data_4PBY
#
_entry.id   4PBY
#
_cell.length_a   81.560
_cell.length_b   59.480
_cell.length_c   104.630
_cell.angle_alpha   90.000
_cell.angle_beta   90.120
_cell.angle_gamma   90.000
#
_symmetry.space_group_name_H-M   'P 1 21 1'
#
loop_
_entity.id
_entity.type
_entity.pdbx_description
1 polymer 'Histone-binding protein RBBP4'
2 polymer 'Metastasis-associated protein MTA1'
3 non-polymer 'ISOPROPYL ALCOHOL'
4 water water
#
loop_
_entity_poly.entity_id
_entity_poly.type
_entity_poly.pdbx_seq_one_letter_code
_entity_poly.pdbx_strand_id
1 'polypeptide(L)'
;MADKEAAFDDAVEERVINEEYKIWKKNTPFLYDLVMTHALEWPSLTAQWLPDVTRPEGKDFSIHRLVLGTHTSDEQNHLV
IASVQLPNDDAQFDASHYDSEKGEFGGFGSVSGKIEIEIKINHEGEVNRARYMPQNPCIIATKTPSSDVLVFDYTKHPSK
PDPSGECNPDLRLRGHQKEGYGLSWNPNLSGHLLSASDDHTICLWDISAVPKEGKVVDAKTIFTGHTAVVEDVSWHLLHE
SLFGSVADDQKLMIWDTRSNNTSKPSHSVDAHTAEVNCLSFNPYSEFILATGSADKTVALWDLRNLKLKLHSFESHKDEI
FQVQWSPHNETILASSGTDRRLNVWDLSKIGEEQSPEDAEDGPPELLFIHGGHTAKISDFSWNPNEPWVICSVSEDNIMQ
VWQMAENIYNDEDPEGSVDPEGQGS
;
A,B
2 'polypeptide(L)' DVFYMATEETRKIRKLLSSSETKRAARRPYK C,D
#
# COMPACT_ATOMS: atom_id res chain seq x y z
N ASP A 3 1.07 -12.03 18.61
CA ASP A 3 0.53 -13.41 18.34
C ASP A 3 0.91 -13.76 16.87
N LYS A 4 -0.06 -14.25 16.09
CA LYS A 4 0.03 -14.33 14.64
C LYS A 4 -0.53 -13.03 14.04
N GLU A 5 -0.90 -12.10 14.92
CA GLU A 5 -1.29 -10.76 14.56
C GLU A 5 -0.06 -9.84 14.33
N ALA A 6 0.95 -9.98 15.19
CA ALA A 6 2.23 -9.31 14.99
C ALA A 6 2.79 -9.55 13.58
N ALA A 7 2.56 -10.77 13.05
CA ALA A 7 3.09 -11.20 11.75
C ALA A 7 2.22 -10.79 10.54
N PHE A 8 0.92 -10.64 10.78
CA PHE A 8 0.00 -10.07 9.81
C PHE A 8 0.34 -8.58 9.67
N ASP A 9 0.64 -7.92 10.78
CA ASP A 9 1.09 -6.52 10.76
C ASP A 9 2.41 -6.37 9.99
N ASP A 10 3.36 -7.25 10.27
CA ASP A 10 4.64 -7.20 9.58
C ASP A 10 4.42 -7.35 8.07
N ALA A 11 3.61 -8.32 7.67
CA ALA A 11 3.37 -8.57 6.25
C ALA A 11 2.68 -7.38 5.54
N VAL A 12 1.66 -6.83 6.16
CA VAL A 12 1.00 -5.64 5.65
C VAL A 12 2.00 -4.52 5.46
N GLU A 13 2.89 -4.36 6.45
CA GLU A 13 3.85 -3.30 6.45
C GLU A 13 4.83 -3.49 5.30
N GLU A 14 5.22 -4.74 5.02
CA GLU A 14 6.12 -5.04 3.91
C GLU A 14 5.49 -4.60 2.59
N ARG A 15 4.24 -5.02 2.38
CA ARG A 15 3.41 -4.57 1.27
C ARG A 15 3.43 -3.07 1.16
N VAL A 16 3.09 -2.38 2.24
CA VAL A 16 3.08 -0.91 2.22
C VAL A 16 4.40 -0.31 1.66
N ILE A 17 5.51 -0.75 2.24
CA ILE A 17 6.83 -0.27 1.86
C ILE A 17 7.14 -0.58 0.39
N ASN A 18 6.80 -1.79 0.00
CA ASN A 18 6.99 -2.23 -1.36
C ASN A 18 6.18 -1.41 -2.38
N GLU A 19 4.88 -1.20 -2.14
CA GLU A 19 4.06 -0.34 -2.98
C GLU A 19 4.56 1.11 -3.06
N GLU A 20 4.83 1.69 -1.90
CA GLU A 20 5.42 3.01 -1.86
C GLU A 20 6.70 3.08 -2.75
N TYR A 21 7.61 2.11 -2.60
CA TYR A 21 8.83 2.07 -3.40
C TYR A 21 8.57 1.92 -4.91
N LYS A 22 7.48 1.24 -5.28
CA LYS A 22 7.07 1.11 -6.68
C LYS A 22 6.66 2.45 -7.25
N ILE A 23 5.80 3.17 -6.55
CA ILE A 23 5.36 4.47 -7.04
C ILE A 23 6.49 5.48 -7.04
N TRP A 24 7.43 5.36 -6.09
CA TRP A 24 8.60 6.26 -6.07
C TRP A 24 9.47 6.07 -7.31
N LYS A 25 9.70 4.80 -7.62
CA LYS A 25 10.57 4.40 -8.73
C LYS A 25 10.02 4.89 -10.08
N LYS A 26 8.70 4.90 -10.25
CA LYS A 26 8.09 5.34 -11.49
C LYS A 26 8.22 6.83 -11.62
N ASN A 27 8.24 7.54 -10.50
CA ASN A 27 8.32 9.01 -10.52
C ASN A 27 9.72 9.61 -10.59
N THR A 28 10.76 8.78 -10.46
CA THR A 28 12.10 9.30 -10.39
C THR A 28 12.43 10.22 -11.58
N PRO A 29 12.23 9.79 -12.83
CA PRO A 29 12.61 10.71 -13.90
C PRO A 29 12.03 12.12 -13.82
N PHE A 30 10.88 12.30 -13.15
CA PHE A 30 10.28 13.64 -12.98
C PHE A 30 10.78 14.41 -11.73
N LEU A 31 11.20 13.67 -10.70
CA LEU A 31 11.60 14.29 -9.45
C LEU A 31 13.11 14.54 -9.28
N TYR A 32 13.94 13.82 -10.02
CA TYR A 32 15.38 13.93 -9.88
C TYR A 32 16.09 14.34 -11.17
N ASP A 33 17.24 15.01 -11.01
CA ASP A 33 18.22 15.18 -12.10
C ASP A 33 19.24 14.05 -12.02
N LEU A 34 19.41 13.47 -10.83
CA LEU A 34 20.36 12.38 -10.58
C LEU A 34 19.83 11.46 -9.50
N VAL A 35 19.97 10.14 -9.74
CA VAL A 35 19.70 9.08 -8.74
C VAL A 35 20.65 7.87 -8.91
N MET A 36 21.59 7.66 -8.00
CA MET A 36 22.38 6.40 -7.97
C MET A 36 22.08 5.63 -6.72
N THR A 37 22.00 4.31 -6.87
CA THR A 37 21.71 3.39 -5.76
C THR A 37 22.77 2.31 -5.72
N HIS A 38 23.32 2.05 -4.55
CA HIS A 38 24.39 1.04 -4.42
C HIS A 38 24.13 0.24 -3.15
N ALA A 39 24.23 -1.06 -3.25
CA ALA A 39 24.12 -1.93 -2.11
C ALA A 39 25.53 -2.09 -1.59
N LEU A 40 25.78 -1.64 -0.37
CA LEU A 40 27.08 -1.83 0.25
C LEU A 40 27.17 -3.24 0.80
N GLU A 41 28.39 -3.64 1.10
CA GLU A 41 28.61 -4.94 1.69
C GLU A 41 27.88 -5.05 3.04
N TRP A 42 27.90 -3.95 3.79
CA TRP A 42 27.25 -3.88 5.07
C TRP A 42 26.51 -2.55 5.17
N PRO A 43 25.57 -2.44 6.09
CA PRO A 43 24.99 -1.12 6.24
C PRO A 43 25.99 -0.14 6.85
N SER A 44 25.90 1.13 6.44
CA SER A 44 26.66 2.21 7.06
C SER A 44 25.76 3.02 7.99
N LEU A 45 26.27 3.30 9.19
CA LEU A 45 25.55 4.17 10.11
C LEU A 45 25.95 5.60 9.92
N THR A 46 26.92 5.87 9.05
CA THR A 46 27.52 7.19 8.95
C THR A 46 27.76 7.54 7.46
N ALA A 47 27.79 8.84 7.18
CA ALA A 47 28.09 9.34 5.85
C ALA A 47 28.58 10.79 5.91
N GLN A 48 29.72 11.05 5.28
CA GLN A 48 30.25 12.39 5.12
C GLN A 48 31.05 12.49 3.83
N TRP A 49 30.70 13.43 2.96
CA TRP A 49 31.56 13.72 1.82
C TRP A 49 32.82 14.36 2.32
N LEU A 50 33.96 13.98 1.75
CA LEU A 50 35.24 14.65 1.95
C LEU A 50 35.21 15.85 1.05
N PRO A 51 36.01 16.90 1.38
CA PRO A 51 35.92 18.19 0.73
C PRO A 51 36.56 18.26 -0.65
N ASP A 52 37.42 17.30 -0.96
CA ASP A 52 38.21 17.33 -2.21
C ASP A 52 37.44 16.78 -3.40
N VAL A 53 37.77 17.31 -4.56
CA VAL A 53 37.19 16.84 -5.80
C VAL A 53 38.29 16.86 -6.85
N THR A 54 38.63 15.69 -7.42
CA THR A 54 39.59 15.63 -8.54
C THR A 54 38.86 15.55 -9.89
N ARG A 55 39.45 16.15 -10.92
CA ARG A 55 38.76 16.31 -12.21
C ARG A 55 39.67 15.92 -13.40
N PRO A 56 39.74 14.62 -13.71
CA PRO A 56 40.72 14.19 -14.73
C PRO A 56 40.49 14.87 -16.09
N GLU A 57 41.58 15.06 -16.84
CA GLU A 57 41.51 15.73 -18.16
C GLU A 57 40.66 14.93 -19.15
N GLY A 58 39.92 15.66 -19.98
CA GLY A 58 39.12 15.08 -21.07
C GLY A 58 37.95 14.24 -20.65
N LYS A 59 37.57 14.34 -19.38
CA LYS A 59 36.50 13.53 -18.83
C LYS A 59 35.25 14.37 -18.72
N ASP A 60 34.10 13.71 -18.85
CA ASP A 60 32.79 14.34 -18.66
C ASP A 60 32.24 14.11 -17.23
N PHE A 61 33.14 13.80 -16.27
CA PHE A 61 32.78 13.57 -14.86
C PHE A 61 33.91 13.92 -13.88
N SER A 62 33.53 14.17 -12.63
CA SER A 62 34.48 14.45 -11.54
C SER A 62 34.43 13.36 -10.45
N ILE A 63 35.53 13.18 -9.75
CA ILE A 63 35.63 12.18 -8.71
C ILE A 63 35.53 12.78 -7.32
N HIS A 64 34.45 12.39 -6.64
CA HIS A 64 34.16 12.79 -5.26
C HIS A 64 34.32 11.62 -4.31
N ARG A 65 34.48 11.94 -3.02
CA ARG A 65 34.75 10.93 -2.01
C ARG A 65 33.91 11.02 -0.75
N LEU A 66 33.73 9.87 -0.11
CA LEU A 66 32.81 9.70 0.97
C LEU A 66 33.45 8.93 2.09
N VAL A 67 33.34 9.42 3.31
CA VAL A 67 33.65 8.64 4.47
C VAL A 67 32.46 7.81 4.88
N LEU A 68 32.64 6.51 4.95
CA LEU A 68 31.57 5.61 5.36
C LEU A 68 32.04 4.62 6.43
N GLY A 69 31.14 3.77 6.91
CA GLY A 69 31.50 2.75 7.88
C GLY A 69 30.72 1.48 7.62
N THR A 70 30.93 0.48 8.49
CA THR A 70 30.13 -0.76 8.45
C THR A 70 29.37 -0.96 9.72
N HIS A 71 28.39 -1.85 9.65
CA HIS A 71 27.67 -2.34 10.81
C HIS A 71 27.53 -3.85 10.63
N THR A 72 28.43 -4.61 11.21
CA THR A 72 28.25 -6.06 11.19
C THR A 72 28.47 -6.67 12.53
N SER A 73 27.56 -7.56 12.89
CA SER A 73 27.58 -8.20 14.19
C SER A 73 28.74 -9.20 14.33
N ASP A 74 28.77 -10.15 13.40
CA ASP A 74 29.71 -11.27 13.45
C ASP A 74 31.06 -10.97 12.80
N GLU A 75 31.09 -10.13 11.76
CA GLU A 75 32.28 -10.01 10.88
C GLU A 75 33.15 -8.86 11.25
N GLN A 76 34.26 -8.76 10.52
CA GLN A 76 35.18 -7.65 10.69
C GLN A 76 34.56 -6.32 10.20
N ASN A 77 34.52 -5.34 11.09
CA ASN A 77 34.04 -4.01 10.70
C ASN A 77 35.17 -3.18 10.13
N HIS A 78 34.81 -2.21 9.29
CA HIS A 78 35.77 -1.30 8.66
C HIS A 78 35.35 0.17 8.63
N LEU A 79 36.37 1.01 8.79
CA LEU A 79 36.27 2.37 8.39
C LEU A 79 36.51 2.38 6.87
N VAL A 80 35.70 3.12 6.13
CA VAL A 80 35.71 3.01 4.68
C VAL A 80 35.75 4.36 4.00
N ILE A 81 36.50 4.44 2.89
CA ILE A 81 36.46 5.59 1.99
C ILE A 81 36.07 5.05 0.61
N ALA A 82 34.98 5.63 0.06
CA ALA A 82 34.49 5.30 -1.27
C ALA A 82 34.61 6.46 -2.25
N SER A 83 34.70 6.14 -3.54
CA SER A 83 34.80 7.12 -4.60
C SER A 83 33.49 7.06 -5.36
N VAL A 84 33.01 8.24 -5.73
CA VAL A 84 31.82 8.39 -6.54
C VAL A 84 32.18 9.27 -7.74
N GLN A 85 31.77 8.84 -8.91
CA GLN A 85 31.81 9.69 -10.12
C GLN A 85 30.52 10.46 -10.31
N LEU A 86 30.63 11.75 -10.56
CA LEU A 86 29.45 12.58 -10.87
C LEU A 86 29.65 13.36 -12.16
N PRO A 87 28.56 13.59 -12.92
CA PRO A 87 28.68 14.38 -14.17
C PRO A 87 28.95 15.87 -13.95
N ASN A 88 29.47 16.55 -14.98
CA ASN A 88 29.65 18.03 -14.97
C ASN A 88 28.46 18.81 -15.55
N LYS A 114 29.32 5.82 -11.32
CA LYS A 114 29.61 4.58 -10.60
C LYS A 114 30.49 4.73 -9.35
N ILE A 115 30.49 3.66 -8.55
CA ILE A 115 30.92 3.66 -7.13
C ILE A 115 31.91 2.56 -6.73
N GLU A 116 32.95 2.94 -6.02
CA GLU A 116 33.99 2.02 -5.63
C GLU A 116 34.50 2.24 -4.20
N ILE A 117 34.86 1.17 -3.55
CA ILE A 117 35.58 1.21 -2.30
C ILE A 117 37.05 1.44 -2.61
N GLU A 118 37.73 2.24 -1.79
CA GLU A 118 39.15 2.52 -2.01
C GLU A 118 40.03 2.22 -0.81
N ILE A 119 39.52 2.39 0.41
CA ILE A 119 40.29 2.01 1.60
C ILE A 119 39.32 1.39 2.57
N LYS A 120 39.73 0.29 3.17
CA LYS A 120 38.99 -0.37 4.22
C LYS A 120 39.97 -0.49 5.34
N ILE A 121 39.63 0.05 6.50
CA ILE A 121 40.50 0.01 7.65
C ILE A 121 39.82 -0.72 8.77
N ASN A 122 40.52 -1.70 9.31
CA ASN A 122 39.98 -2.49 10.40
C ASN A 122 39.52 -1.58 11.52
N HIS A 123 38.34 -1.91 12.04
CA HIS A 123 37.70 -1.10 13.07
C HIS A 123 37.07 -2.03 14.10
N GLU A 124 37.43 -1.87 15.36
CA GLU A 124 36.79 -2.63 16.43
C GLU A 124 35.31 -2.22 16.63
N GLY A 125 34.40 -3.09 16.19
CA GLY A 125 32.99 -2.85 16.33
C GLY A 125 32.51 -1.97 15.20
N GLU A 126 31.19 -1.76 15.14
CA GLU A 126 30.62 -0.88 14.12
C GLU A 126 31.06 0.56 14.28
N VAL A 127 30.99 1.28 13.18
CA VAL A 127 31.37 2.66 13.15
C VAL A 127 30.12 3.51 13.31
N ASN A 128 29.91 4.03 14.53
CA ASN A 128 28.69 4.81 14.82
C ASN A 128 28.69 6.14 14.06
N ARG A 129 29.83 6.80 14.05
CA ARG A 129 29.99 8.03 13.33
C ARG A 129 31.41 8.19 12.91
N ALA A 130 31.62 8.79 11.76
CA ALA A 130 32.98 9.09 11.31
C ALA A 130 32.99 10.48 10.69
N ARG A 131 33.95 11.29 11.09
CA ARG A 131 34.01 12.68 10.69
C ARG A 131 35.45 13.11 10.49
N TYR A 132 35.70 13.79 9.38
CA TYR A 132 37.03 14.28 9.06
C TYR A 132 37.31 15.68 9.69
N MET A 133 38.58 15.91 10.04
CA MET A 133 39.06 17.18 10.55
C MET A 133 39.23 18.17 9.42
N PRO A 134 38.57 19.33 9.51
CA PRO A 134 38.61 20.24 8.36
C PRO A 134 40.00 20.66 7.95
N GLN A 135 40.86 20.89 8.95
CA GLN A 135 42.18 21.47 8.73
C GLN A 135 43.12 20.43 8.12
N ASN A 136 42.73 19.15 8.21
CA ASN A 136 43.42 18.07 7.54
C ASN A 136 42.52 16.82 7.39
N PRO A 137 41.81 16.71 6.27
CA PRO A 137 40.83 15.66 6.12
C PRO A 137 41.38 14.24 5.95
N CYS A 138 42.68 14.04 6.01
CA CYS A 138 43.19 12.68 6.17
C CYS A 138 42.89 12.14 7.54
N ILE A 139 42.58 13.05 8.46
CA ILE A 139 42.38 12.68 9.84
C ILE A 139 40.91 12.53 10.10
N ILE A 140 40.55 11.38 10.63
CA ILE A 140 39.18 11.00 10.78
C ILE A 140 38.96 10.47 12.15
N ALA A 141 37.93 10.96 12.85
CA ALA A 141 37.63 10.47 14.18
C ALA A 141 36.45 9.53 14.11
N THR A 142 36.46 8.46 14.89
CA THR A 142 35.31 7.57 14.92
C THR A 142 34.71 7.34 16.28
N LYS A 143 33.47 6.84 16.27
CA LYS A 143 32.82 6.45 17.47
C LYS A 143 32.44 5.01 17.31
N THR A 144 32.75 4.22 18.35
CA THR A 144 32.60 2.78 18.35
C THR A 144 31.55 2.44 19.42
N PRO A 145 31.20 1.13 19.57
CA PRO A 145 30.33 0.67 20.67
C PRO A 145 31.04 0.62 22.00
N SER A 146 32.36 0.70 21.96
CA SER A 146 33.19 0.83 23.14
C SER A 146 33.33 2.34 23.50
N SER A 147 33.98 2.63 24.61
CA SER A 147 34.00 3.99 25.13
C SER A 147 35.10 4.86 24.55
N ASP A 148 36.13 4.24 23.99
CA ASP A 148 37.22 5.02 23.41
C ASP A 148 36.79 5.65 22.12
N VAL A 149 37.21 6.89 21.90
CA VAL A 149 36.95 7.60 20.66
C VAL A 149 38.23 7.47 19.87
N LEU A 150 38.14 6.96 18.65
CA LEU A 150 39.34 6.68 17.86
C LEU A 150 39.70 7.76 16.82
N VAL A 151 40.97 7.97 16.58
CA VAL A 151 41.39 8.80 15.49
C VAL A 151 42.24 7.96 14.51
N PHE A 152 41.90 8.08 13.24
CA PHE A 152 42.68 7.48 12.19
C PHE A 152 43.24 8.53 11.22
N ASP A 153 44.45 8.28 10.74
CA ASP A 153 45.02 9.00 9.60
C ASP A 153 45.03 8.00 8.47
N TYR A 154 44.17 8.17 7.46
CA TYR A 154 44.00 7.07 6.50
C TYR A 154 45.14 6.93 5.51
N THR A 155 46.05 7.88 5.49
CA THR A 155 47.21 7.79 4.62
C THR A 155 48.28 6.90 5.25
N LYS A 156 48.03 6.45 6.48
CA LYS A 156 48.98 5.70 7.26
C LYS A 156 48.47 4.30 7.56
N HIS A 157 47.59 3.84 6.68
CA HIS A 157 47.14 2.47 6.77
C HIS A 157 47.15 1.83 5.37
N PRO A 158 47.33 0.51 5.31
CA PRO A 158 47.33 -0.05 3.97
C PRO A 158 45.95 0.06 3.35
N SER A 159 45.95 0.23 2.03
CA SER A 159 44.73 0.16 1.23
C SER A 159 43.92 -1.09 1.60
N LYS A 160 44.60 -2.22 1.68
CA LYS A 160 43.92 -3.48 1.99
C LYS A 160 44.23 -3.93 3.39
N PRO A 161 43.16 -4.19 4.16
CA PRO A 161 43.32 -4.41 5.60
C PRO A 161 44.02 -5.74 5.92
N ASP A 162 44.89 -5.73 6.93
CA ASP A 162 45.56 -6.95 7.42
C ASP A 162 44.49 -7.96 7.84
N PRO A 163 44.63 -9.23 7.41
CA PRO A 163 43.59 -10.24 7.75
C PRO A 163 43.48 -10.61 9.24
N SER A 164 44.49 -10.30 10.04
CA SER A 164 44.38 -10.50 11.48
C SER A 164 43.14 -9.79 12.04
N GLY A 165 42.80 -8.64 11.44
CA GLY A 165 41.61 -7.86 11.81
C GLY A 165 41.85 -6.90 12.97
N GLU A 166 43.12 -6.61 13.25
CA GLU A 166 43.47 -5.77 14.39
C GLU A 166 43.26 -4.28 14.16
N CYS A 167 42.70 -3.61 15.15
CA CYS A 167 42.39 -2.21 15.00
C CYS A 167 43.56 -1.43 15.56
N ASN A 168 44.31 -0.75 14.71
CA ASN A 168 45.48 -0.01 15.13
C ASN A 168 45.28 1.48 14.92
N PRO A 169 44.42 2.08 15.72
CA PRO A 169 44.12 3.47 15.52
C PRO A 169 45.29 4.38 15.92
N ASP A 170 45.36 5.56 15.33
CA ASP A 170 46.51 6.42 15.55
C ASP A 170 46.49 7.09 16.91
N LEU A 171 45.29 7.41 17.42
CA LEU A 171 45.13 7.85 18.78
C LEU A 171 43.95 7.13 19.37
N ARG A 172 43.94 7.00 20.68
CA ARG A 172 42.76 6.58 21.44
C ARG A 172 42.46 7.69 22.39
N LEU A 173 41.24 8.20 22.35
CA LEU A 173 40.86 9.35 23.18
C LEU A 173 39.96 8.85 24.29
N ARG A 174 40.41 9.10 25.53
CA ARG A 174 39.78 8.56 26.73
C ARG A 174 38.98 9.63 27.44
N GLY A 175 37.98 9.22 28.23
CA GLY A 175 37.21 10.15 29.05
C GLY A 175 35.78 9.71 29.31
N HIS A 176 35.21 9.02 28.31
CA HIS A 176 33.84 8.48 28.38
C HIS A 176 33.85 7.10 29.00
N GLN A 177 32.67 6.69 29.44
CA GLN A 177 32.45 5.38 30.03
C GLN A 177 31.54 4.51 29.18
N LYS A 178 31.04 5.06 28.09
CA LYS A 178 30.05 4.41 27.27
C LYS A 178 30.22 4.97 25.88
N GLU A 179 29.47 4.37 24.95
CA GLU A 179 29.44 4.76 23.55
C GLU A 179 28.57 5.97 23.33
N GLY A 180 28.53 6.46 22.09
CA GLY A 180 27.58 7.49 21.69
C GLY A 180 27.72 7.83 20.22
N TYR A 181 27.15 8.96 19.80
CA TYR A 181 27.20 9.38 18.42
C TYR A 181 27.84 10.71 18.18
N GLY A 182 27.36 11.74 18.82
CA GLY A 182 27.87 13.09 18.60
C GLY A 182 29.38 13.22 18.49
N LEU A 183 29.83 13.94 17.46
CA LEU A 183 31.24 14.08 17.21
C LEU A 183 31.41 15.31 16.37
N SER A 184 32.32 16.19 16.73
CA SER A 184 32.41 17.45 16.03
C SER A 184 33.76 18.09 16.21
N TRP A 185 34.43 18.33 15.08
CA TRP A 185 35.75 18.98 15.05
C TRP A 185 35.57 20.48 15.00
N ASN A 186 36.38 21.22 15.75
CA ASN A 186 36.36 22.68 15.70
C ASN A 186 37.00 23.23 14.44
N PRO A 187 36.23 23.91 13.58
CA PRO A 187 36.84 24.38 12.35
C PRO A 187 37.72 25.63 12.50
N ASN A 188 37.87 26.17 13.71
CA ASN A 188 38.75 27.33 13.95
C ASN A 188 39.89 27.06 14.87
N LEU A 189 39.88 25.92 15.57
CA LEU A 189 40.99 25.49 16.42
C LEU A 189 41.36 24.06 16.11
N SER A 190 42.37 23.92 15.25
CA SER A 190 42.82 22.62 14.77
C SER A 190 42.98 21.61 15.92
N GLY A 191 42.37 20.43 15.77
CA GLY A 191 42.60 19.34 16.74
C GLY A 191 41.68 19.27 17.98
N HIS A 192 40.77 20.23 18.08
CA HIS A 192 39.86 20.29 19.18
C HIS A 192 38.57 19.53 18.80
N LEU A 193 38.41 18.36 19.39
CA LEU A 193 37.31 17.47 19.09
C LEU A 193 36.34 17.32 20.31
N LEU A 194 35.05 17.39 20.00
CA LEU A 194 33.97 17.20 20.98
C LEU A 194 33.24 15.90 20.68
N SER A 195 32.73 15.26 21.74
CA SER A 195 32.05 13.97 21.63
C SER A 195 30.91 13.85 22.63
N ALA A 196 29.78 13.32 22.21
CA ALA A 196 28.65 13.08 23.10
C ALA A 196 28.53 11.60 23.32
N SER A 197 28.04 11.23 24.49
CA SER A 197 27.99 9.81 24.92
C SER A 197 26.71 9.46 25.70
N ASP A 198 26.36 8.19 25.64
CA ASP A 198 25.28 7.65 26.46
C ASP A 198 25.52 7.80 27.97
N ASP A 199 26.73 8.19 28.39
CA ASP A 199 27.05 8.38 29.80
C ASP A 199 26.70 9.75 30.37
N HIS A 200 25.95 10.56 29.60
CA HIS A 200 25.41 11.85 30.04
C HIS A 200 26.47 12.95 29.95
N THR A 201 27.53 12.65 29.26
CA THR A 201 28.72 13.49 29.25
C THR A 201 29.11 13.95 27.83
N ILE A 202 29.61 15.18 27.74
CA ILE A 202 30.37 15.62 26.59
C ILE A 202 31.84 15.72 26.91
N CYS A 203 32.69 15.12 26.08
CA CYS A 203 34.14 15.22 26.25
C CYS A 203 34.77 16.08 25.17
N LEU A 204 35.85 16.74 25.56
CA LEU A 204 36.70 17.56 24.69
C LEU A 204 38.14 17.11 24.70
N TRP A 205 38.73 17.01 23.52
CA TRP A 205 40.15 16.74 23.44
C TRP A 205 40.80 17.82 22.60
N ASP A 206 42.09 18.04 22.86
CA ASP A 206 42.97 18.84 22.01
C ASP A 206 44.10 17.95 21.55
N ILE A 207 44.00 17.40 20.35
CA ILE A 207 45.07 16.56 19.81
C ILE A 207 46.09 17.38 18.99
N SER A 208 46.05 18.72 19.11
CA SER A 208 46.99 19.61 18.40
C SER A 208 48.36 19.04 18.40
N ALA A 209 48.91 18.90 19.60
CA ALA A 209 50.33 18.61 19.80
C ALA A 209 50.45 17.42 20.74
N VAL A 210 50.82 16.27 20.19
CA VAL A 210 50.77 15.01 20.93
C VAL A 210 52.14 14.31 21.02
N PRO A 211 52.77 14.30 22.23
CA PRO A 211 54.11 13.72 22.50
C PRO A 211 54.40 12.40 21.73
N LYS A 212 55.62 12.26 21.23
CA LYS A 212 55.98 11.17 20.29
C LYS A 212 55.83 9.73 20.83
N GLU A 213 55.88 9.58 22.15
CA GLU A 213 55.62 8.27 22.78
C GLU A 213 54.14 8.12 23.19
N GLY A 214 53.32 9.13 22.86
CA GLY A 214 51.93 9.20 23.30
C GLY A 214 50.92 8.79 22.25
N LYS A 215 50.14 7.78 22.56
CA LYS A 215 49.06 7.30 21.71
C LYS A 215 47.69 7.48 22.39
N VAL A 216 47.64 7.35 23.71
CA VAL A 216 46.40 7.57 24.46
C VAL A 216 46.35 9.01 24.95
N VAL A 217 45.21 9.65 24.78
CA VAL A 217 45.02 11.07 25.12
C VAL A 217 43.82 11.20 26.05
N ASP A 218 44.03 11.89 27.16
CA ASP A 218 42.97 12.12 28.10
C ASP A 218 42.19 13.38 27.76
N ALA A 219 40.91 13.39 28.12
CA ALA A 219 40.06 14.57 27.95
C ALA A 219 40.64 15.75 28.71
N LYS A 220 40.67 16.88 28.02
CA LYS A 220 41.04 18.16 28.57
C LYS A 220 39.89 18.73 29.41
N THR A 221 38.66 18.55 28.96
CA THR A 221 37.49 18.97 29.72
C THR A 221 36.34 18.02 29.54
N ILE A 222 35.54 17.90 30.59
CA ILE A 222 34.32 17.09 30.53
C ILE A 222 33.14 17.93 31.02
N PHE A 223 32.07 18.00 30.21
CA PHE A 223 30.92 18.81 30.51
C PHE A 223 29.78 17.93 31.01
N THR A 224 29.12 18.29 32.11
CA THR A 224 28.19 17.36 32.80
C THR A 224 26.79 17.92 33.00
N GLY A 225 26.39 18.87 32.18
CA GLY A 225 25.11 19.56 32.39
C GLY A 225 23.90 18.71 32.07
N HIS A 226 24.05 17.72 31.21
CA HIS A 226 22.93 16.83 30.87
C HIS A 226 22.70 15.78 31.97
N THR A 227 21.47 15.26 32.05
CA THR A 227 21.11 14.22 33.03
C THR A 227 20.59 12.95 32.36
N ALA A 228 21.00 12.74 31.12
CA ALA A 228 20.55 11.61 30.30
C ALA A 228 21.45 11.50 29.09
N VAL A 229 21.17 10.50 28.27
CA VAL A 229 22.00 10.26 27.08
C VAL A 229 22.19 11.52 26.22
N VAL A 230 23.42 11.98 26.08
CA VAL A 230 23.74 13.11 25.20
C VAL A 230 23.91 12.56 23.75
N GLU A 231 23.06 13.03 22.84
CA GLU A 231 22.90 12.41 21.50
C GLU A 231 23.76 13.10 20.45
N ASP A 232 24.00 14.39 20.60
CA ASP A 232 24.75 15.10 19.58
C ASP A 232 25.45 16.31 20.16
N VAL A 233 26.52 16.72 19.50
CA VAL A 233 27.21 17.95 19.86
C VAL A 233 27.81 18.56 18.61
N SER A 234 27.86 19.89 18.57
CA SER A 234 28.42 20.58 17.41
C SER A 234 29.03 21.93 17.76
N TRP A 235 30.16 22.23 17.15
CA TRP A 235 30.80 23.54 17.34
C TRP A 235 30.07 24.54 16.49
N HIS A 236 29.94 25.76 16.98
CA HIS A 236 29.51 26.89 16.14
C HIS A 236 30.54 27.09 15.02
N LEU A 237 30.16 27.63 13.87
CA LEU A 237 31.12 27.78 12.72
C LEU A 237 32.05 29.03 12.81
N LEU A 238 31.56 30.15 13.33
CA LEU A 238 32.41 31.35 13.52
C LEU A 238 33.02 31.58 14.91
N HIS A 239 32.32 31.25 15.98
CA HIS A 239 32.78 31.55 17.30
C HIS A 239 33.43 30.31 17.92
N GLU A 240 34.76 30.37 18.00
CA GLU A 240 35.59 29.23 18.37
C GLU A 240 35.34 28.63 19.75
N SER A 241 34.75 29.41 20.65
CA SER A 241 34.48 28.96 22.01
C SER A 241 33.11 28.34 22.23
N LEU A 242 32.24 28.53 21.26
CA LEU A 242 30.85 28.19 21.38
C LEU A 242 30.51 26.84 20.76
N PHE A 243 29.61 26.11 21.40
CA PHE A 243 29.13 24.85 20.89
C PHE A 243 27.82 24.48 21.54
N GLY A 244 27.11 23.56 20.91
CA GLY A 244 25.76 23.21 21.32
C GLY A 244 25.64 21.72 21.55
N SER A 245 24.69 21.33 22.39
CA SER A 245 24.44 19.92 22.63
C SER A 245 22.96 19.62 22.78
N VAL A 246 22.60 18.40 22.46
CA VAL A 246 21.22 17.97 22.62
C VAL A 246 21.20 16.57 23.19
N ALA A 247 20.18 16.27 23.99
CA ALA A 247 20.13 15.04 24.81
C ALA A 247 18.73 14.49 25.02
N ASP A 248 18.65 13.31 25.59
CA ASP A 248 17.38 12.65 25.88
C ASP A 248 16.63 13.30 27.02
N ASP A 249 17.25 14.23 27.74
CA ASP A 249 16.54 15.08 28.70
C ASP A 249 15.71 16.17 28.03
N GLN A 250 15.57 16.08 26.71
CA GLN A 250 14.78 16.98 25.89
C GLN A 250 15.38 18.38 25.81
N LYS A 251 16.60 18.55 26.27
CA LYS A 251 17.22 19.86 26.28
C LYS A 251 18.22 20.11 25.16
N LEU A 252 18.24 21.35 24.67
CA LEU A 252 19.33 21.91 23.87
C LEU A 252 20.17 22.73 24.84
N MET A 253 21.48 22.57 24.77
CA MET A 253 22.34 23.35 25.65
C MET A 253 23.37 24.10 24.86
N ILE A 254 23.54 25.38 25.16
CA ILE A 254 24.61 26.17 24.57
C ILE A 254 25.67 26.41 25.60
N TRP A 255 26.89 25.98 25.25
CA TRP A 255 28.06 25.97 26.13
C TRP A 255 29.17 26.90 25.61
N ASP A 256 29.96 27.46 26.52
CA ASP A 256 31.10 28.28 26.13
C ASP A 256 32.33 27.72 26.83
N THR A 257 33.38 27.43 26.07
CA THR A 257 34.58 26.81 26.64
C THR A 257 35.37 27.76 27.54
N ARG A 258 35.13 29.07 27.43
CA ARG A 258 35.87 30.03 28.29
C ARG A 258 35.42 29.96 29.76
N SER A 259 34.23 29.40 30.00
CA SER A 259 33.63 29.39 31.30
C SER A 259 34.35 28.44 32.20
N ASN A 260 34.47 28.82 33.48
CA ASN A 260 35.16 27.94 34.44
CA ASN A 260 35.14 27.97 34.48
C ASN A 260 34.18 27.00 35.18
N ASN A 261 32.95 26.88 34.67
CA ASN A 261 32.02 25.89 35.20
C ASN A 261 31.44 25.02 34.11
N THR A 262 31.80 23.75 34.20
CA THR A 262 31.48 22.72 33.24
C THR A 262 30.27 21.82 33.60
N SER A 263 29.57 22.16 34.67
CA SER A 263 28.35 21.45 35.09
C SER A 263 27.05 22.14 34.67
N LYS A 264 27.18 23.26 33.98
CA LYS A 264 26.06 24.14 33.74
C LYS A 264 26.36 24.97 32.51
N PRO A 265 25.48 24.88 31.51
CA PRO A 265 25.71 25.62 30.28
C PRO A 265 25.46 27.11 30.41
N SER A 266 25.96 27.92 29.48
CA SER A 266 25.46 29.32 29.32
C SER A 266 23.95 29.43 29.15
N HIS A 267 23.38 28.56 28.33
CA HIS A 267 21.94 28.56 28.06
C HIS A 267 21.47 27.12 27.94
N SER A 268 20.21 26.93 28.32
CA SER A 268 19.59 25.63 28.43
C SER A 268 18.16 25.86 28.03
N VAL A 269 17.67 25.19 27.00
CA VAL A 269 16.26 25.31 26.65
C VAL A 269 15.56 23.95 26.62
N ASP A 270 14.25 23.96 26.86
CA ASP A 270 13.41 22.80 26.76
C ASP A 270 12.95 22.76 25.31
N ALA A 271 13.67 22.01 24.50
CA ALA A 271 13.53 22.10 23.07
C ALA A 271 12.36 21.32 22.42
N HIS A 272 12.12 20.13 22.95
CA HIS A 272 11.23 19.19 22.33
C HIS A 272 10.37 18.42 23.34
N THR A 273 9.38 17.71 22.83
CA THR A 273 8.53 16.88 23.68
C THR A 273 8.98 15.42 23.77
N ALA A 274 10.21 15.16 23.34
CA ALA A 274 10.82 13.86 23.46
C ALA A 274 12.32 14.04 23.25
N GLU A 275 13.04 12.95 23.17
CA GLU A 275 14.47 13.02 22.97
C GLU A 275 14.87 13.91 21.79
N VAL A 276 16.00 14.58 21.94
CA VAL A 276 16.62 15.38 20.88
C VAL A 276 17.87 14.68 20.36
N ASN A 277 17.90 14.35 19.06
CA ASN A 277 18.94 13.47 18.53
C ASN A 277 20.04 14.18 17.74
N CYS A 278 19.75 15.40 17.29
CA CYS A 278 20.61 16.08 16.36
C CYS A 278 20.49 17.60 16.43
N LEU A 279 21.60 18.25 16.06
CA LEU A 279 21.55 19.68 15.83
C LEU A 279 22.48 20.14 14.74
N SER A 280 22.18 21.29 14.18
CA SER A 280 23.01 21.81 13.11
C SER A 280 23.01 23.35 13.17
N PHE A 281 24.20 23.96 13.22
CA PHE A 281 24.29 25.40 13.11
C PHE A 281 24.23 25.77 11.64
N ASN A 282 23.50 26.83 11.35
CA ASN A 282 23.41 27.41 10.03
C ASN A 282 24.73 28.13 9.68
N PRO A 283 25.39 27.69 8.61
CA PRO A 283 26.69 28.24 8.23
C PRO A 283 26.69 29.67 7.65
N TYR A 284 25.52 30.23 7.39
CA TYR A 284 25.40 31.57 6.84
C TYR A 284 24.71 32.52 7.81
N SER A 285 24.01 31.96 8.80
CA SER A 285 23.19 32.76 9.71
C SER A 285 23.62 32.44 11.13
N GLU A 286 24.52 33.26 11.67
CA GLU A 286 25.26 32.90 12.89
C GLU A 286 24.41 32.79 14.12
N PHE A 287 23.18 33.28 14.08
CA PHE A 287 22.32 33.17 15.26
C PHE A 287 21.37 31.99 15.22
N ILE A 288 21.39 31.23 14.13
CA ILE A 288 20.35 30.27 13.85
C ILE A 288 20.88 28.85 13.90
N LEU A 289 20.03 27.95 14.39
CA LEU A 289 20.30 26.54 14.36
C LEU A 289 18.99 25.76 14.41
N ALA A 290 19.09 24.49 14.08
CA ALA A 290 17.95 23.62 14.01
C ALA A 290 18.22 22.43 14.92
N THR A 291 17.17 21.81 15.44
CA THR A 291 17.28 20.55 16.19
C THR A 291 16.23 19.55 15.68
N GLY A 292 16.54 18.27 15.75
CA GLY A 292 15.65 17.23 15.31
C GLY A 292 15.44 16.19 16.40
N SER A 293 14.22 15.64 16.51
CA SER A 293 13.74 14.98 17.73
C SER A 293 12.83 13.78 17.53
N ALA A 294 12.67 13.00 18.59
CA ALA A 294 11.74 11.87 18.56
C ALA A 294 10.31 12.35 18.54
N ASP A 295 10.06 13.64 18.86
CA ASP A 295 8.73 14.18 18.70
C ASP A 295 8.33 14.39 17.24
N LYS A 296 9.19 14.01 16.31
CA LYS A 296 8.83 14.01 14.86
C LYS A 296 8.95 15.40 14.22
N THR A 297 9.56 16.34 14.96
CA THR A 297 9.75 17.67 14.45
C THR A 297 11.19 18.07 14.37
N VAL A 298 11.39 19.11 13.56
CA VAL A 298 12.60 19.86 13.56
C VAL A 298 12.22 21.22 14.08
N ALA A 299 13.01 21.70 15.04
CA ALA A 299 12.76 22.99 15.64
C ALA A 299 13.84 23.96 15.15
N LEU A 300 13.46 25.22 14.98
CA LEU A 300 14.36 26.25 14.55
C LEU A 300 14.61 27.20 15.72
N TRP A 301 15.85 27.60 15.91
CA TRP A 301 16.22 28.38 17.09
C TRP A 301 17.02 29.63 16.76
N ASP A 302 16.95 30.62 17.65
CA ASP A 302 17.74 31.85 17.55
C ASP A 302 18.44 32.00 18.88
N LEU A 303 19.78 31.97 18.86
CA LEU A 303 20.60 32.07 20.06
C LEU A 303 20.36 33.31 20.88
N ARG A 304 19.95 34.40 20.24
CA ARG A 304 19.76 35.68 20.97
C ARG A 304 18.53 35.59 21.87
N ASN A 305 17.61 34.68 21.57
CA ASN A 305 16.46 34.43 22.43
C ASN A 305 15.99 32.99 22.34
N LEU A 306 16.55 32.18 23.21
CA LEU A 306 16.23 30.78 23.30
C LEU A 306 14.94 30.42 24.05
N LYS A 307 14.30 31.32 24.79
CA LYS A 307 13.02 30.93 25.36
C LYS A 307 12.03 30.46 24.29
N LEU A 308 12.07 31.16 23.15
CA LEU A 308 11.06 31.06 22.10
C LEU A 308 11.63 30.38 20.86
N LYS A 309 11.19 29.16 20.65
CA LYS A 309 11.33 28.49 19.40
C LYS A 309 10.81 29.39 18.29
N LEU A 310 11.57 29.56 17.21
CA LEU A 310 11.11 30.34 16.07
C LEU A 310 10.06 29.58 15.25
N HIS A 311 10.26 28.28 15.09
CA HIS A 311 9.42 27.51 14.20
C HIS A 311 9.50 25.99 14.47
N SER A 312 8.46 25.29 14.03
CA SER A 312 8.40 23.84 14.06
C SER A 312 8.07 23.32 12.66
N PHE A 313 8.98 22.52 12.12
CA PHE A 313 8.82 21.90 10.84
C PHE A 313 8.20 20.54 11.05
N GLU A 314 7.00 20.38 10.55
CA GLU A 314 6.20 19.15 10.72
C GLU A 314 5.90 18.53 9.38
N SER A 315 6.05 17.20 9.34
CA SER A 315 5.73 16.35 8.19
C SER A 315 6.20 14.91 8.42
N HIS A 316 7.36 14.75 9.03
CA HIS A 316 7.92 13.45 9.34
C HIS A 316 6.96 12.64 10.20
N LYS A 317 6.92 11.34 9.93
CA LYS A 317 5.97 10.44 10.57
C LYS A 317 6.55 9.67 11.74
N ASP A 318 7.82 9.79 12.03
CA ASP A 318 8.39 9.06 13.14
C ASP A 318 9.70 9.72 13.51
N GLU A 319 10.38 9.19 14.51
CA GLU A 319 11.60 9.79 15.06
C GLU A 319 12.69 10.29 14.09
N ILE A 320 13.15 11.51 14.27
CA ILE A 320 14.20 12.10 13.43
C ILE A 320 15.59 11.89 14.04
N PHE A 321 16.51 11.43 13.22
CA PHE A 321 17.88 11.21 13.70
C PHE A 321 18.93 12.19 13.22
N GLN A 322 18.73 12.79 12.07
CA GLN A 322 19.73 13.68 11.54
C GLN A 322 19.13 14.91 10.93
N VAL A 323 19.81 16.04 11.13
CA VAL A 323 19.43 17.33 10.58
C VAL A 323 20.68 18.04 10.02
N GLN A 324 20.59 18.63 8.83
CA GLN A 324 21.78 19.32 8.24
C GLN A 324 21.42 20.47 7.35
N TRP A 325 22.04 21.60 7.58
CA TRP A 325 21.78 22.76 6.72
C TRP A 325 22.51 22.57 5.40
N SER A 326 21.93 23.08 4.30
CA SER A 326 22.62 23.10 2.99
C SER A 326 23.89 23.89 3.06
N PRO A 327 24.99 23.38 2.52
CA PRO A 327 26.24 24.17 2.48
C PRO A 327 26.24 25.29 1.45
N HIS A 328 25.20 25.36 0.60
CA HIS A 328 25.07 26.37 -0.48
C HIS A 328 23.98 27.43 -0.37
N ASN A 329 22.90 27.12 0.34
CA ASN A 329 21.73 28.00 0.42
C ASN A 329 21.26 28.13 1.89
N GLU A 330 21.21 29.37 2.35
CA GLU A 330 21.03 29.71 3.75
CA GLU A 330 21.05 29.60 3.79
C GLU A 330 19.64 29.36 4.30
N THR A 331 18.67 29.23 3.39
CA THR A 331 17.29 28.92 3.74
C THR A 331 16.93 27.44 3.63
N ILE A 332 17.83 26.61 3.15
CA ILE A 332 17.57 25.20 2.91
C ILE A 332 18.15 24.28 3.99
N LEU A 333 17.28 23.42 4.45
CA LEU A 333 17.62 22.54 5.53
C LEU A 333 17.08 21.17 5.17
N ALA A 334 17.76 20.13 5.61
CA ALA A 334 17.23 18.76 5.45
C ALA A 334 17.35 17.89 6.71
N SER A 335 16.43 16.94 6.77
CA SER A 335 16.31 16.05 7.91
C SER A 335 15.93 14.66 7.44
N SER A 336 16.29 13.68 8.25
CA SER A 336 16.09 12.27 7.94
C SER A 336 15.84 11.46 9.23
N GLY A 337 15.21 10.31 9.09
CA GLY A 337 15.16 9.39 10.20
C GLY A 337 14.45 8.06 9.98
N THR A 338 13.75 7.68 11.03
CA THR A 338 13.10 6.38 11.13
C THR A 338 11.93 6.15 10.21
N ASP A 339 11.27 7.20 9.76
CA ASP A 339 10.16 7.01 8.84
C ASP A 339 10.61 6.70 7.41
N ARG A 340 11.92 6.52 7.19
CA ARG A 340 12.46 6.16 5.89
C ARG A 340 12.52 7.32 4.91
N ARG A 341 12.08 8.49 5.34
CA ARG A 341 12.10 9.67 4.47
C ARG A 341 13.23 10.64 4.82
N LEU A 342 13.65 11.40 3.82
CA LEU A 342 14.54 12.51 4.05
C LEU A 342 13.83 13.72 3.48
N ASN A 343 13.47 14.65 4.35
CA ASN A 343 12.75 15.84 3.97
C ASN A 343 13.67 17.04 3.74
N VAL A 344 13.32 17.85 2.74
CA VAL A 344 14.08 19.05 2.46
C VAL A 344 13.15 20.26 2.67
N TRP A 345 13.65 21.26 3.40
CA TRP A 345 12.82 22.39 3.84
C TRP A 345 13.42 23.69 3.34
N ASP A 346 12.57 24.71 3.19
CA ASP A 346 13.00 26.07 2.76
C ASP A 346 12.29 27.08 3.61
N LEU A 347 13.02 27.66 4.55
CA LEU A 347 12.38 28.53 5.51
C LEU A 347 11.83 29.84 4.89
N SER A 348 12.22 30.15 3.65
CA SER A 348 11.76 31.37 2.98
C SER A 348 10.28 31.34 2.64
N LYS A 349 9.67 30.14 2.71
CA LYS A 349 8.26 29.92 2.41
C LYS A 349 7.40 29.77 3.65
N ILE A 350 8.00 29.80 4.81
CA ILE A 350 7.20 29.75 6.01
C ILE A 350 6.18 30.90 5.93
N GLY A 351 4.91 30.58 6.09
CA GLY A 351 3.89 31.60 6.18
C GLY A 351 3.08 31.78 4.91
N GLU A 352 3.64 31.49 3.74
CA GLU A 352 2.88 31.48 2.48
C GLU A 352 1.56 30.75 2.64
N GLU A 353 0.53 31.24 1.97
CA GLU A 353 -0.78 30.57 2.04
C GLU A 353 -0.82 29.48 0.98
N GLN A 354 -1.79 28.59 1.12
CA GLN A 354 -1.89 27.46 0.21
C GLN A 354 -3.31 26.92 0.18
N SER A 355 -3.70 26.39 -0.99
CA SER A 355 -4.99 25.72 -1.10
C SER A 355 -5.01 24.58 -0.07
N PRO A 356 -6.20 24.14 0.37
CA PRO A 356 -6.20 23.06 1.37
C PRO A 356 -5.76 21.72 0.76
N GLU A 357 -5.54 21.72 -0.55
CA GLU A 357 -5.15 20.54 -1.32
C GLU A 357 -3.66 20.38 -1.17
N ASP A 358 -2.94 21.48 -1.36
CA ASP A 358 -1.52 21.54 -1.07
C ASP A 358 -1.27 21.40 0.45
N ALA A 359 -2.10 22.05 1.27
CA ALA A 359 -1.98 21.94 2.71
C ALA A 359 -2.00 20.50 3.20
N GLU A 360 -2.72 19.62 2.49
CA GLU A 360 -2.79 18.20 2.89
C GLU A 360 -1.45 17.48 2.79
N ASP A 361 -0.68 17.81 1.75
CA ASP A 361 0.63 17.19 1.52
C ASP A 361 1.73 17.62 2.52
N GLY A 362 1.51 18.73 3.20
CA GLY A 362 2.46 19.27 4.14
C GLY A 362 2.40 20.78 4.11
N PRO A 363 3.14 21.43 5.02
CA PRO A 363 3.24 22.87 5.11
C PRO A 363 4.02 23.44 3.95
N PRO A 364 3.99 24.76 3.80
CA PRO A 364 4.59 25.37 2.59
C PRO A 364 6.14 25.33 2.54
N GLU A 365 6.78 25.25 3.70
CA GLU A 365 8.23 25.17 3.78
C GLU A 365 8.80 23.78 3.51
N LEU A 366 7.95 22.79 3.26
CA LEU A 366 8.43 21.49 2.82
C LEU A 366 8.63 21.48 1.30
N LEU A 367 9.87 21.39 0.86
CA LEU A 367 10.17 21.47 -0.56
C LEU A 367 10.10 20.12 -1.27
N PHE A 368 10.48 19.07 -0.54
CA PHE A 368 10.75 17.79 -1.18
C PHE A 368 10.79 16.67 -0.16
N ILE A 369 10.17 15.55 -0.51
CA ILE A 369 10.28 14.36 0.30
C ILE A 369 11.07 13.34 -0.49
N HIS A 370 12.26 12.99 -0.04
CA HIS A 370 12.98 11.91 -0.69
C HIS A 370 12.42 10.54 -0.23
N GLY A 371 11.82 9.83 -1.18
CA GLY A 371 11.17 8.55 -0.92
C GLY A 371 11.86 7.30 -1.42
N GLY A 372 13.18 7.34 -1.62
CA GLY A 372 13.91 6.22 -2.27
C GLY A 372 14.40 5.08 -1.36
N HIS A 373 14.38 5.29 -0.06
CA HIS A 373 14.90 4.28 0.86
C HIS A 373 13.79 3.43 1.34
N THR A 374 14.06 2.16 1.59
CA THR A 374 13.05 1.27 2.15
C THR A 374 13.44 0.81 3.53
N ALA A 375 14.35 1.52 4.18
CA ALA A 375 14.65 1.28 5.57
C ALA A 375 14.96 2.60 6.30
N LYS A 376 15.02 2.51 7.62
CA LYS A 376 15.43 3.65 8.42
C LYS A 376 16.69 4.25 7.82
N ILE A 377 16.68 5.57 7.64
CA ILE A 377 17.85 6.31 7.21
C ILE A 377 18.74 6.61 8.40
N SER A 378 20.01 6.31 8.28
CA SER A 378 20.90 6.41 9.43
C SER A 378 21.70 7.69 9.46
N ASP A 379 21.98 8.28 8.28
CA ASP A 379 22.81 9.49 8.15
C ASP A 379 22.77 9.95 6.71
N PHE A 380 23.03 11.26 6.48
CA PHE A 380 23.20 11.78 5.14
C PHE A 380 24.15 12.95 5.18
N SER A 381 24.58 13.39 4.00
CA SER A 381 25.56 14.46 3.88
C SER A 381 25.32 15.19 2.55
N TRP A 382 25.21 16.52 2.63
CA TRP A 382 25.10 17.37 1.45
C TRP A 382 26.46 17.43 0.82
N ASN A 383 26.57 17.11 -0.46
CA ASN A 383 27.83 17.30 -1.20
C ASN A 383 28.30 18.77 -1.21
N PRO A 384 29.53 19.04 -0.75
CA PRO A 384 29.94 20.44 -0.71
C PRO A 384 30.39 21.06 -2.04
N ASN A 385 30.59 20.28 -3.09
CA ASN A 385 31.06 20.86 -4.37
C ASN A 385 29.99 20.85 -5.46
N GLU A 386 29.00 19.98 -5.31
CA GLU A 386 27.88 19.89 -6.22
C GLU A 386 26.57 20.25 -5.52
N PRO A 387 26.09 21.46 -5.77
CA PRO A 387 24.84 21.84 -5.14
C PRO A 387 23.71 20.87 -5.37
N TRP A 388 22.95 20.63 -4.31
CA TRP A 388 21.74 19.84 -4.27
C TRP A 388 21.95 18.35 -4.27
N VAL A 389 23.20 17.93 -4.40
CA VAL A 389 23.52 16.53 -4.32
C VAL A 389 23.67 16.08 -2.85
N ILE A 390 22.96 15.01 -2.50
CA ILE A 390 22.97 14.46 -1.17
C ILE A 390 23.35 12.99 -1.26
N CYS A 391 24.10 12.54 -0.27
CA CYS A 391 24.34 11.10 -0.06
C CYS A 391 23.64 10.68 1.21
N SER A 392 22.68 9.77 1.06
CA SER A 392 21.95 9.18 2.20
C SER A 392 22.16 7.66 2.27
N VAL A 393 22.25 7.14 3.48
CA VAL A 393 22.51 5.73 3.74
C VAL A 393 21.51 5.15 4.73
N SER A 394 20.99 3.96 4.45
CA SER A 394 19.97 3.29 5.30
C SER A 394 20.43 1.95 5.87
N GLU A 395 19.70 1.48 6.87
CA GLU A 395 19.99 0.25 7.61
C GLU A 395 19.98 -1.04 6.81
N ASP A 396 19.38 -1.03 5.62
CA ASP A 396 19.30 -2.24 4.78
C ASP A 396 20.58 -2.44 3.94
N ASN A 397 21.51 -1.47 3.97
CA ASN A 397 22.83 -1.46 3.28
C ASN A 397 22.88 -0.56 2.04
N ILE A 398 21.75 0.06 1.71
CA ILE A 398 21.64 0.94 0.56
C ILE A 398 22.28 2.31 0.82
N MET A 399 22.97 2.80 -0.21
CA MET A 399 23.53 4.13 -0.27
C MET A 399 22.91 4.77 -1.48
N GLN A 400 22.34 5.94 -1.31
CA GLN A 400 21.85 6.63 -2.49
C GLN A 400 22.56 7.97 -2.61
N VAL A 401 22.95 8.29 -3.83
CA VAL A 401 23.48 9.60 -4.17
C VAL A 401 22.54 10.23 -5.16
N TRP A 402 21.90 11.33 -4.75
CA TRP A 402 20.81 11.85 -5.53
C TRP A 402 20.74 13.34 -5.50
N GLN A 403 19.91 13.89 -6.37
CA GLN A 403 19.79 15.32 -6.57
C GLN A 403 18.41 15.66 -7.14
N MET A 404 17.61 16.46 -6.45
CA MET A 404 16.25 16.70 -6.93
C MET A 404 16.32 17.53 -8.19
N ALA A 405 15.21 17.53 -8.91
CA ALA A 405 15.10 18.25 -10.17
C ALA A 405 15.15 19.76 -9.96
N GLU A 406 15.89 20.43 -10.83
CA GLU A 406 16.15 21.87 -10.74
C GLU A 406 14.88 22.73 -10.66
N ASN A 407 13.89 22.39 -11.46
CA ASN A 407 12.69 23.18 -11.51
C ASN A 407 11.97 23.21 -10.17
N ILE A 408 12.27 22.26 -9.29
CA ILE A 408 11.65 22.25 -7.99
C ILE A 408 12.18 23.34 -7.07
N TYR A 409 13.47 23.66 -7.15
CA TYR A 409 14.02 24.77 -6.33
C TYR A 409 14.30 26.07 -7.06
N ASN A 410 14.10 26.11 -8.38
CA ASN A 410 14.24 27.36 -9.16
C ASN A 410 12.95 27.71 -9.89
N ASP A 411 13.05 28.46 -11.00
CA ASP A 411 11.91 28.73 -11.89
C ASP A 411 12.22 28.29 -13.31
N PHE B 8 -21.21 -36.25 13.87
CA PHE B 8 -19.72 -36.18 13.97
C PHE B 8 -19.18 -35.49 12.73
N ASP B 9 -19.20 -36.18 11.59
CA ASP B 9 -18.64 -35.63 10.34
C ASP B 9 -19.41 -34.42 9.83
N ASP B 10 -20.72 -34.43 10.03
CA ASP B 10 -21.56 -33.22 9.88
C ASP B 10 -21.00 -31.93 10.59
N ALA B 11 -20.18 -32.10 11.64
CA ALA B 11 -19.51 -30.97 12.35
C ALA B 11 -17.95 -30.98 12.35
N VAL B 12 -17.34 -32.07 11.90
CA VAL B 12 -15.86 -32.17 11.78
C VAL B 12 -15.32 -31.24 10.68
N GLU B 13 -16.15 -31.02 9.68
CA GLU B 13 -15.82 -30.13 8.60
C GLU B 13 -15.80 -28.71 9.13
N GLU B 14 -16.80 -28.39 9.98
CA GLU B 14 -16.94 -27.06 10.56
C GLU B 14 -15.66 -26.60 11.25
N ARG B 15 -14.94 -27.55 11.83
CA ARG B 15 -13.69 -27.29 12.52
C ARG B 15 -12.57 -26.96 11.56
N VAL B 16 -12.52 -27.65 10.43
CA VAL B 16 -11.45 -27.46 9.44
C VAL B 16 -11.61 -26.13 8.69
N ILE B 17 -12.85 -25.81 8.34
CA ILE B 17 -13.25 -24.47 7.86
C ILE B 17 -12.67 -23.35 8.75
N ASN B 18 -12.82 -23.51 10.08
CA ASN B 18 -12.27 -22.55 11.03
C ASN B 18 -10.76 -22.45 10.92
N GLU B 19 -10.11 -23.61 10.97
CA GLU B 19 -8.67 -23.63 10.94
C GLU B 19 -8.14 -23.08 9.63
N GLU B 20 -8.79 -23.43 8.52
CA GLU B 20 -8.38 -22.91 7.21
C GLU B 20 -8.70 -21.41 6.98
N TYR B 21 -9.73 -20.89 7.63
CA TYR B 21 -10.02 -19.48 7.55
C TYR B 21 -8.90 -18.67 8.22
N LYS B 22 -8.35 -19.20 9.31
CA LYS B 22 -7.30 -18.49 10.04
C LYS B 22 -6.05 -18.35 9.19
N ILE B 23 -5.72 -19.41 8.47
CA ILE B 23 -4.57 -19.38 7.55
C ILE B 23 -4.75 -18.45 6.35
N TRP B 24 -5.97 -18.39 5.80
CA TRP B 24 -6.31 -17.46 4.71
C TRP B 24 -6.12 -16.02 5.18
N LYS B 25 -6.55 -15.76 6.43
CA LYS B 25 -6.45 -14.46 7.07
C LYS B 25 -4.98 -14.10 7.26
N LYS B 26 -4.16 -15.05 7.64
CA LYS B 26 -2.74 -14.83 7.75
C LYS B 26 -2.18 -14.42 6.38
N ASN B 27 -2.68 -15.05 5.33
CA ASN B 27 -2.22 -14.80 3.96
C ASN B 27 -2.73 -13.53 3.25
N THR B 28 -3.71 -12.84 3.83
CA THR B 28 -4.40 -11.78 3.11
C THR B 28 -3.50 -10.67 2.59
N PRO B 29 -2.46 -10.25 3.35
CA PRO B 29 -1.57 -9.16 2.88
C PRO B 29 -0.84 -9.48 1.58
N PHE B 30 -0.38 -10.73 1.44
CA PHE B 30 0.26 -11.21 0.20
C PHE B 30 -0.69 -11.32 -1.01
N LEU B 31 -1.93 -11.78 -0.80
CA LEU B 31 -2.89 -12.10 -1.86
C LEU B 31 -3.78 -10.95 -2.37
N TYR B 32 -4.09 -9.98 -1.53
CA TYR B 32 -5.03 -8.92 -1.89
C TYR B 32 -4.38 -7.55 -1.87
N ASP B 33 -4.90 -6.66 -2.69
CA ASP B 33 -4.73 -5.22 -2.51
C ASP B 33 -5.89 -4.59 -1.73
N LEU B 34 -6.99 -5.31 -1.67
CA LEU B 34 -8.14 -4.86 -0.91
C LEU B 34 -8.93 -6.03 -0.41
N VAL B 35 -9.26 -6.00 0.87
CA VAL B 35 -10.19 -6.95 1.48
C VAL B 35 -10.98 -6.27 2.53
N MET B 36 -12.26 -6.06 2.27
CA MET B 36 -13.20 -5.56 3.28
C MET B 36 -14.23 -6.64 3.61
N THR B 37 -14.54 -6.75 4.90
CA THR B 37 -15.53 -7.68 5.39
C THR B 37 -16.65 -6.91 6.08
N HIS B 38 -17.86 -7.44 6.04
CA HIS B 38 -18.99 -6.74 6.60
C HIS B 38 -20.12 -7.71 6.87
N ALA B 39 -20.48 -7.84 8.13
CA ALA B 39 -21.65 -8.63 8.49
C ALA B 39 -22.92 -7.85 8.15
N LEU B 40 -23.79 -8.45 7.33
CA LEU B 40 -25.08 -7.85 7.01
C LEU B 40 -26.05 -8.25 8.09
N GLU B 41 -27.02 -7.39 8.36
CA GLU B 41 -28.09 -7.72 9.31
C GLU B 41 -28.66 -9.08 8.95
N TRP B 42 -29.12 -9.21 7.71
CA TRP B 42 -29.64 -10.47 7.22
C TRP B 42 -28.83 -10.95 6.00
N PRO B 43 -28.78 -12.27 5.77
CA PRO B 43 -28.03 -12.74 4.60
C PRO B 43 -28.72 -12.30 3.30
N SER B 44 -27.91 -11.97 2.30
CA SER B 44 -28.43 -11.64 0.98
C SER B 44 -28.13 -12.80 0.06
N LEU B 45 -29.13 -13.20 -0.73
CA LEU B 45 -28.95 -14.22 -1.78
C LEU B 45 -28.58 -13.64 -3.13
N THR B 46 -28.29 -12.35 -3.20
CA THR B 46 -28.18 -11.67 -4.47
C THR B 46 -27.21 -10.50 -4.26
N ALA B 47 -26.53 -10.11 -5.32
CA ALA B 47 -25.62 -9.00 -5.29
C ALA B 47 -25.42 -8.55 -6.71
N GLN B 48 -25.44 -7.25 -6.90
CA GLN B 48 -25.11 -6.63 -8.17
C GLN B 48 -24.76 -5.19 -7.94
N TRP B 49 -23.59 -4.79 -8.39
CA TRP B 49 -23.19 -3.39 -8.36
C TRP B 49 -24.05 -2.60 -9.34
N LEU B 50 -24.41 -1.40 -8.93
CA LEU B 50 -25.04 -0.44 -9.83
C LEU B 50 -23.93 0.17 -10.70
N PRO B 51 -24.28 0.69 -11.88
CA PRO B 51 -23.25 1.13 -12.85
C PRO B 51 -22.63 2.49 -12.56
N ASP B 52 -23.15 3.20 -11.57
CA ASP B 52 -22.77 4.59 -11.37
CA ASP B 52 -22.80 4.61 -11.30
C ASP B 52 -21.76 4.74 -10.20
N VAL B 53 -20.89 5.73 -10.32
CA VAL B 53 -19.84 5.95 -9.32
C VAL B 53 -19.59 7.45 -9.14
N THR B 54 -19.73 7.92 -7.90
CA THR B 54 -19.59 9.32 -7.61
C THR B 54 -18.20 9.57 -6.95
N ARG B 55 -17.42 10.48 -7.54
CA ARG B 55 -16.08 10.79 -7.04
C ARG B 55 -16.04 12.17 -6.36
N PRO B 56 -16.11 12.20 -5.00
CA PRO B 56 -15.96 13.48 -4.30
C PRO B 56 -14.53 14.02 -4.43
N GLU B 57 -14.41 15.19 -5.05
CA GLU B 57 -13.11 15.82 -5.36
C GLU B 57 -12.28 16.10 -4.11
N GLY B 58 -10.95 16.01 -4.29
CA GLY B 58 -10.00 16.11 -3.19
C GLY B 58 -10.26 15.14 -2.04
N LYS B 59 -10.79 13.95 -2.36
CA LYS B 59 -11.06 12.94 -1.35
C LYS B 59 -10.33 11.62 -1.59
N ASP B 60 -10.13 10.93 -0.47
CA ASP B 60 -9.57 9.59 -0.33
C ASP B 60 -10.10 8.52 -1.33
N PHE B 61 -11.40 8.56 -1.61
CA PHE B 61 -12.15 7.41 -2.13
C PHE B 61 -13.14 7.75 -3.21
N SER B 62 -13.73 6.72 -3.79
CA SER B 62 -14.91 6.83 -4.64
C SER B 62 -16.09 6.09 -3.99
N ILE B 63 -17.30 6.43 -4.42
CA ILE B 63 -18.56 5.87 -3.86
C ILE B 63 -19.31 5.01 -4.90
N HIS B 64 -19.57 3.76 -4.52
CA HIS B 64 -20.20 2.80 -5.41
C HIS B 64 -21.39 2.27 -4.69
N ARG B 65 -22.30 1.65 -5.44
CA ARG B 65 -23.57 1.16 -4.89
C ARG B 65 -23.91 -0.28 -5.31
N LEU B 66 -24.41 -1.06 -4.35
CA LEU B 66 -24.81 -2.45 -4.63
C LEU B 66 -26.27 -2.63 -4.44
N VAL B 67 -26.88 -3.40 -5.34
CA VAL B 67 -28.22 -3.96 -5.12
C VAL B 67 -28.11 -5.25 -4.31
N LEU B 68 -28.66 -5.25 -3.10
CA LEU B 68 -28.68 -6.44 -2.26
C LEU B 68 -30.12 -6.80 -1.86
N GLY B 69 -30.30 -7.93 -1.16
CA GLY B 69 -31.59 -8.32 -0.61
C GLY B 69 -31.47 -8.96 0.75
N THR B 70 -32.60 -9.41 1.31
CA THR B 70 -32.60 -10.16 2.59
C THR B 70 -33.09 -11.60 2.43
N HIS B 71 -32.68 -12.46 3.38
CA HIS B 71 -33.19 -13.81 3.51
C HIS B 71 -33.52 -14.06 5.01
N THR B 72 -34.63 -13.47 5.43
CA THR B 72 -35.11 -13.59 6.80
C THR B 72 -36.04 -14.78 6.90
N SER B 73 -35.91 -15.52 7.98
CA SER B 73 -36.79 -16.66 8.21
C SER B 73 -38.20 -16.19 8.62
N ASP B 74 -38.26 -15.09 9.37
CA ASP B 74 -39.48 -14.68 10.06
C ASP B 74 -39.83 -13.24 9.82
N GLU B 75 -38.84 -12.38 10.03
CA GLU B 75 -39.04 -10.95 9.97
C GLU B 75 -39.33 -10.42 8.57
N GLN B 76 -39.58 -9.14 8.46
CA GLN B 76 -39.93 -8.54 7.17
C GLN B 76 -38.71 -8.49 6.24
N ASN B 77 -38.94 -8.80 4.95
CA ASN B 77 -37.87 -8.76 3.93
C ASN B 77 -37.77 -7.46 3.15
N HIS B 78 -36.56 -7.14 2.72
CA HIS B 78 -36.34 -5.89 2.00
C HIS B 78 -35.44 -6.01 0.78
N LEU B 79 -35.79 -5.22 -0.22
CA LEU B 79 -34.90 -4.92 -1.29
C LEU B 79 -34.05 -3.77 -0.78
N VAL B 80 -32.73 -3.94 -0.86
CA VAL B 80 -31.73 -3.06 -0.25
C VAL B 80 -30.86 -2.45 -1.33
N ILE B 81 -30.47 -1.21 -1.15
CA ILE B 81 -29.38 -0.64 -1.92
C ILE B 81 -28.36 -0.19 -0.91
N ALA B 82 -27.07 -0.50 -1.14
CA ALA B 82 -26.01 -0.18 -0.19
C ALA B 82 -24.94 0.66 -0.83
N SER B 83 -24.22 1.41 -0.03
CA SER B 83 -23.08 2.18 -0.50
C SER B 83 -21.79 1.56 0.03
N VAL B 84 -20.76 1.64 -0.81
CA VAL B 84 -19.42 1.18 -0.47
C VAL B 84 -18.41 2.27 -0.85
N GLN B 85 -17.56 2.61 0.10
CA GLN B 85 -16.44 3.48 -0.17
C GLN B 85 -15.21 2.67 -0.62
N LEU B 86 -14.64 3.01 -1.76
CA LEU B 86 -13.43 2.35 -2.23
C LEU B 86 -12.28 3.30 -2.48
N PRO B 87 -11.06 2.83 -2.21
CA PRO B 87 -9.85 3.61 -2.50
C PRO B 87 -9.76 4.03 -3.94
N ASN B 88 -9.30 5.26 -4.18
CA ASN B 88 -8.98 5.70 -5.53
C ASN B 88 -7.68 5.06 -5.96
N ASP B 89 -7.48 4.91 -7.27
CA ASP B 89 -6.24 4.34 -7.87
C ASP B 89 -4.98 5.07 -7.38
N ASP B 90 -5.08 6.40 -7.30
CA ASP B 90 -4.07 7.34 -6.76
C ASP B 90 -3.87 7.36 -5.22
N ALA B 91 -4.67 6.58 -4.48
CA ALA B 91 -4.77 6.72 -3.02
C ALA B 91 -3.60 6.14 -2.26
N GLN B 92 -3.47 6.62 -1.03
CA GLN B 92 -2.45 6.17 -0.09
C GLN B 92 -2.68 4.70 0.21
N PHE B 93 -1.66 3.88 -0.05
CA PHE B 93 -1.72 2.47 0.28
C PHE B 93 -1.36 2.28 1.75
N ASP B 94 -2.21 1.58 2.51
CA ASP B 94 -1.97 1.39 3.93
C ASP B 94 -2.82 0.26 4.47
N ALA B 95 -2.61 -0.08 5.74
CA ALA B 95 -3.29 -1.18 6.42
C ALA B 95 -4.85 -1.20 6.39
N SER B 96 -5.48 -0.04 6.28
CA SER B 96 -6.94 0.05 6.23
C SER B 96 -7.55 -0.63 4.99
N HIS B 97 -6.70 -0.87 3.98
CA HIS B 97 -7.04 -1.70 2.84
C HIS B 97 -7.34 -3.18 3.22
N TYR B 98 -6.79 -3.62 4.34
CA TYR B 98 -7.05 -4.94 4.90
C TYR B 98 -7.93 -4.88 6.15
N ASP B 99 -8.88 -3.96 6.19
CA ASP B 99 -9.64 -3.68 7.43
C ASP B 99 -8.76 -3.46 8.70
N SER B 100 -7.49 -3.05 8.56
CA SER B 100 -6.64 -2.91 9.76
C SER B 100 -6.45 -1.47 10.14
N GLU B 101 -6.70 -1.21 11.43
CA GLU B 101 -6.60 0.12 12.05
C GLU B 101 -5.21 0.52 12.52
N LYS B 102 -4.17 -0.24 12.22
CA LYS B 102 -2.81 0.11 12.62
C LYS B 102 -2.08 0.99 11.61
N GLY B 103 -1.46 2.06 12.09
CA GLY B 103 -0.63 2.90 11.23
C GLY B 103 0.78 2.34 11.08
N GLU B 104 1.48 2.84 10.04
CA GLU B 104 2.87 2.43 9.72
C GLU B 104 3.85 2.46 10.89
N PHE B 105 3.68 3.41 11.82
CA PHE B 105 4.75 3.74 12.77
C PHE B 105 4.30 3.75 14.21
N GLY B 106 3.47 2.76 14.55
CA GLY B 106 3.03 2.55 15.92
C GLY B 106 1.90 3.47 16.34
N GLY B 107 1.42 4.29 15.40
CA GLY B 107 0.30 5.18 15.68
C GLY B 107 -1.04 4.48 15.49
N PHE B 108 -1.95 5.17 14.84
CA PHE B 108 -3.26 4.64 14.56
C PHE B 108 -3.48 4.55 13.04
N GLY B 109 -3.07 5.55 12.28
CA GLY B 109 -3.29 5.44 10.83
C GLY B 109 -4.75 5.63 10.48
N SER B 110 -5.42 4.61 9.96
CA SER B 110 -6.74 4.86 9.36
C SER B 110 -7.80 3.81 9.60
N VAL B 111 -9.03 4.26 9.40
CA VAL B 111 -10.22 3.41 9.41
C VAL B 111 -10.49 2.96 7.97
N SER B 112 -11.24 1.86 7.82
CA SER B 112 -11.58 1.33 6.51
C SER B 112 -12.77 2.07 5.90
N GLY B 113 -13.04 1.76 4.64
CA GLY B 113 -14.21 2.29 3.96
C GLY B 113 -15.51 1.80 4.56
N LYS B 114 -16.45 2.73 4.72
CA LYS B 114 -17.73 2.44 5.34
C LYS B 114 -18.64 1.79 4.33
N ILE B 115 -19.47 0.87 4.81
CA ILE B 115 -20.49 0.23 4.01
C ILE B 115 -21.86 0.56 4.61
N GLU B 116 -22.47 1.65 4.16
CA GLU B 116 -23.81 2.04 4.62
C GLU B 116 -24.92 1.40 3.79
N ILE B 117 -26.05 1.10 4.44
CA ILE B 117 -27.32 0.85 3.76
C ILE B 117 -27.96 2.20 3.49
N GLU B 118 -28.30 2.51 2.24
CA GLU B 118 -28.96 3.76 1.86
C GLU B 118 -30.48 3.65 1.69
N ILE B 119 -30.97 2.54 1.18
CA ILE B 119 -32.39 2.38 0.89
C ILE B 119 -32.85 1.04 1.42
N LYS B 120 -34.08 0.97 1.89
CA LYS B 120 -34.72 -0.30 2.19
C LYS B 120 -36.15 -0.25 1.67
N ILE B 121 -36.53 -1.25 0.87
CA ILE B 121 -37.87 -1.32 0.33
C ILE B 121 -38.58 -2.61 0.71
N ASN B 122 -39.84 -2.47 1.10
CA ASN B 122 -40.65 -3.60 1.49
C ASN B 122 -40.80 -4.61 0.34
N HIS B 123 -40.51 -5.87 0.67
CA HIS B 123 -40.54 -6.95 -0.28
C HIS B 123 -41.22 -8.18 0.33
N GLU B 124 -42.17 -8.74 -0.44
CA GLU B 124 -42.87 -9.97 -0.08
C GLU B 124 -41.96 -11.23 -0.03
N GLY B 125 -41.53 -11.61 1.17
CA GLY B 125 -40.60 -12.73 1.32
C GLY B 125 -39.19 -12.43 0.79
N GLU B 126 -38.26 -13.36 1.04
CA GLU B 126 -36.87 -13.20 0.62
C GLU B 126 -36.69 -12.90 -0.90
N VAL B 127 -35.62 -12.14 -1.19
CA VAL B 127 -35.31 -11.74 -2.54
C VAL B 127 -34.33 -12.80 -3.02
N ASN B 128 -34.72 -13.56 -4.04
CA ASN B 128 -33.88 -14.63 -4.59
C ASN B 128 -32.81 -14.06 -5.50
N ARG B 129 -33.24 -13.08 -6.28
CA ARG B 129 -32.38 -12.40 -7.21
C ARG B 129 -32.92 -11.02 -7.46
N ALA B 130 -32.04 -10.04 -7.64
CA ALA B 130 -32.42 -8.69 -8.02
C ALA B 130 -31.43 -8.16 -9.02
N ARG B 131 -31.96 -7.74 -10.16
CA ARG B 131 -31.14 -7.15 -11.18
C ARG B 131 -31.78 -5.87 -11.65
N TYR B 132 -30.95 -4.90 -12.05
CA TYR B 132 -31.39 -3.59 -12.53
C TYR B 132 -31.43 -3.55 -14.05
N MET B 133 -32.23 -2.66 -14.60
CA MET B 133 -32.44 -2.57 -16.03
C MET B 133 -31.32 -1.75 -16.60
N PRO B 134 -30.56 -2.30 -17.54
CA PRO B 134 -29.49 -1.48 -18.12
C PRO B 134 -29.93 -0.06 -18.49
N GLN B 135 -31.08 0.05 -19.17
CA GLN B 135 -31.50 1.32 -19.76
C GLN B 135 -32.01 2.32 -18.73
N ASN B 136 -32.24 1.86 -17.52
CA ASN B 136 -32.70 2.73 -16.45
C ASN B 136 -32.49 2.03 -15.14
N PRO B 137 -31.24 2.06 -14.65
CA PRO B 137 -30.82 1.44 -13.38
C PRO B 137 -31.60 1.85 -12.13
N CYS B 138 -32.57 2.75 -12.27
CA CYS B 138 -33.53 2.98 -11.18
C CYS B 138 -34.50 1.81 -11.10
N ILE B 139 -34.75 1.15 -12.23
CA ILE B 139 -35.68 0.03 -12.29
C ILE B 139 -35.00 -1.26 -11.88
N ILE B 140 -35.61 -2.00 -10.98
CA ILE B 140 -35.02 -3.24 -10.53
C ILE B 140 -36.09 -4.31 -10.48
N ALA B 141 -35.80 -5.43 -11.17
CA ALA B 141 -36.65 -6.62 -11.14
C ALA B 141 -36.23 -7.55 -10.00
N THR B 142 -37.19 -8.32 -9.46
CA THR B 142 -36.90 -9.28 -8.40
C THR B 142 -37.68 -10.58 -8.48
N LYS B 143 -37.02 -11.64 -8.04
CA LYS B 143 -37.58 -12.96 -7.95
C LYS B 143 -37.89 -13.26 -6.49
N THR B 144 -39.13 -13.72 -6.26
CA THR B 144 -39.65 -14.03 -4.92
C THR B 144 -39.89 -15.54 -4.78
N PRO B 145 -40.35 -16.00 -3.60
CA PRO B 145 -40.83 -17.40 -3.49
C PRO B 145 -42.26 -17.61 -4.03
N SER B 146 -42.95 -16.52 -4.30
CA SER B 146 -44.22 -16.56 -5.04
C SER B 146 -43.91 -16.63 -6.55
N SER B 147 -44.94 -16.91 -7.31
CA SER B 147 -44.79 -17.05 -8.75
C SER B 147 -44.57 -15.73 -9.44
N ASP B 148 -45.07 -14.65 -8.83
CA ASP B 148 -44.97 -13.31 -9.40
C ASP B 148 -43.55 -12.77 -9.42
N VAL B 149 -43.14 -12.22 -10.56
CA VAL B 149 -41.88 -11.49 -10.66
C VAL B 149 -42.20 -10.02 -10.49
N LEU B 150 -41.45 -9.34 -9.64
CA LEU B 150 -41.73 -7.95 -9.28
C LEU B 150 -40.80 -6.94 -9.94
N VAL B 151 -41.28 -5.72 -10.12
CA VAL B 151 -40.49 -4.63 -10.69
C VAL B 151 -40.71 -3.40 -9.82
N PHE B 152 -39.61 -2.82 -9.34
CA PHE B 152 -39.65 -1.62 -8.55
C PHE B 152 -38.80 -0.53 -9.18
N ASP B 153 -39.38 0.67 -9.30
CA ASP B 153 -38.63 1.94 -9.46
C ASP B 153 -38.35 2.43 -8.03
N TYR B 154 -37.09 2.54 -7.61
CA TYR B 154 -36.80 2.96 -6.22
C TYR B 154 -36.89 4.48 -6.02
N THR B 155 -36.95 5.24 -7.12
CA THR B 155 -37.23 6.67 -7.06
C THR B 155 -38.73 7.00 -6.91
N LYS B 156 -39.61 6.00 -7.03
CA LYS B 156 -41.04 6.17 -6.73
C LYS B 156 -41.39 5.53 -5.39
N HIS B 157 -40.38 5.34 -4.54
CA HIS B 157 -40.56 4.72 -3.22
C HIS B 157 -39.86 5.54 -2.13
N PRO B 158 -40.37 5.49 -0.88
CA PRO B 158 -39.70 6.17 0.23
C PRO B 158 -38.27 5.65 0.48
N SER B 159 -37.40 6.55 0.93
CA SER B 159 -36.01 6.24 1.27
C SER B 159 -35.93 5.31 2.48
N LYS B 160 -37.01 5.26 3.25
CA LYS B 160 -37.11 4.44 4.45
C LYS B 160 -38.49 3.72 4.44
N PRO B 161 -38.55 2.45 4.91
CA PRO B 161 -39.76 1.67 4.70
C PRO B 161 -40.92 1.95 5.68
N ASP B 162 -42.13 1.80 5.16
CA ASP B 162 -43.35 1.81 5.97
C ASP B 162 -43.30 0.62 6.94
N PRO B 163 -43.39 0.88 8.26
CA PRO B 163 -43.28 -0.24 9.22
C PRO B 163 -44.40 -1.31 9.19
N SER B 164 -45.47 -1.08 8.43
CA SER B 164 -46.56 -2.08 8.29
C SER B 164 -46.09 -3.45 7.73
N GLY B 165 -45.11 -3.42 6.82
CA GLY B 165 -44.65 -4.64 6.14
C GLY B 165 -45.32 -4.86 4.78
N GLU B 166 -46.14 -3.89 4.36
CA GLU B 166 -46.85 -3.95 3.11
C GLU B 166 -45.85 -3.81 1.93
N CYS B 167 -45.71 -4.86 1.12
CA CYS B 167 -44.91 -4.79 -0.10
C CYS B 167 -45.78 -4.19 -1.17
N ASN B 168 -45.25 -3.16 -1.86
CA ASN B 168 -46.02 -2.39 -2.83
C ASN B 168 -45.32 -2.24 -4.20
N PRO B 169 -45.31 -3.31 -5.01
CA PRO B 169 -44.63 -3.34 -6.31
C PRO B 169 -45.27 -2.50 -7.40
N ASP B 170 -44.44 -1.88 -8.24
CA ASP B 170 -44.92 -1.03 -9.32
C ASP B 170 -45.47 -1.85 -10.48
N LEU B 171 -44.84 -2.98 -10.75
CA LEU B 171 -45.42 -3.99 -11.64
C LEU B 171 -45.30 -5.36 -11.00
N ARG B 172 -46.29 -6.23 -11.26
CA ARG B 172 -46.30 -7.67 -10.91
C ARG B 172 -46.39 -8.47 -12.18
N LEU B 173 -45.40 -9.31 -12.47
CA LEU B 173 -45.33 -9.96 -13.78
C LEU B 173 -45.74 -11.41 -13.70
N ARG B 174 -46.82 -11.71 -14.41
CA ARG B 174 -47.51 -12.99 -14.29
C ARG B 174 -47.06 -13.93 -15.39
N GLY B 175 -47.15 -15.22 -15.11
CA GLY B 175 -46.83 -16.26 -16.10
C GLY B 175 -46.35 -17.57 -15.51
N HIS B 176 -45.59 -17.49 -14.42
CA HIS B 176 -44.99 -18.67 -13.84
C HIS B 176 -45.96 -19.24 -12.85
N GLN B 177 -45.80 -20.53 -12.56
CA GLN B 177 -46.52 -21.19 -11.47
C GLN B 177 -45.69 -21.23 -10.22
N LYS B 178 -44.36 -21.32 -10.37
CA LYS B 178 -43.43 -21.37 -9.23
C LYS B 178 -42.37 -20.29 -9.28
N GLU B 179 -41.65 -20.18 -8.17
CA GLU B 179 -40.44 -19.35 -8.06
C GLU B 179 -39.27 -19.94 -8.85
N GLY B 180 -38.28 -19.10 -9.11
CA GLY B 180 -36.98 -19.55 -9.60
C GLY B 180 -35.91 -18.53 -9.24
N TYR B 181 -34.85 -18.53 -10.02
CA TYR B 181 -33.72 -17.65 -9.76
C TYR B 181 -33.37 -16.80 -10.96
N GLY B 182 -33.31 -17.41 -12.13
CA GLY B 182 -32.86 -16.73 -13.36
C GLY B 182 -33.62 -15.46 -13.67
N LEU B 183 -32.88 -14.40 -13.98
CA LEU B 183 -33.45 -13.08 -14.20
C LEU B 183 -32.54 -12.29 -15.11
N SER B 184 -33.05 -11.83 -16.25
CA SER B 184 -32.19 -11.15 -17.24
C SER B 184 -32.89 -10.11 -18.15
N TRP B 185 -32.36 -8.87 -18.16
CA TRP B 185 -32.88 -7.78 -18.98
C TRP B 185 -32.19 -7.68 -20.34
N ASN B 186 -32.94 -7.49 -21.42
CA ASN B 186 -32.32 -7.37 -22.75
C ASN B 186 -31.61 -6.06 -22.82
N PRO B 187 -30.29 -6.07 -23.05
CA PRO B 187 -29.59 -4.78 -23.08
C PRO B 187 -29.70 -4.05 -24.44
N ASN B 188 -30.37 -4.66 -25.41
CA ASN B 188 -30.61 -3.97 -26.70
C ASN B 188 -32.07 -3.59 -27.01
N LEU B 189 -32.99 -3.95 -26.12
CA LEU B 189 -34.43 -3.70 -26.23
C LEU B 189 -34.95 -3.36 -24.84
N SER B 190 -35.18 -2.07 -24.61
CA SER B 190 -35.54 -1.57 -23.29
C SER B 190 -36.71 -2.34 -22.65
N GLY B 191 -36.48 -2.94 -21.49
CA GLY B 191 -37.57 -3.50 -20.71
C GLY B 191 -38.11 -4.86 -21.17
N HIS B 192 -37.37 -5.54 -22.03
CA HIS B 192 -37.67 -6.95 -22.34
C HIS B 192 -37.00 -7.88 -21.29
N LEU B 193 -37.79 -8.38 -20.34
CA LEU B 193 -37.24 -9.12 -19.22
C LEU B 193 -37.49 -10.60 -19.34
N LEU B 194 -36.46 -11.39 -19.00
CA LEU B 194 -36.57 -12.85 -19.04
C LEU B 194 -36.49 -13.43 -17.67
N SER B 195 -37.13 -14.58 -17.48
CA SER B 195 -37.19 -15.21 -16.18
C SER B 195 -37.21 -16.74 -16.23
N ALA B 196 -36.42 -17.36 -15.37
CA ALA B 196 -36.36 -18.83 -15.28
C ALA B 196 -37.06 -19.28 -14.04
N SER B 197 -37.53 -20.51 -14.03
CA SER B 197 -38.40 -20.95 -12.95
C SER B 197 -38.40 -22.44 -12.68
N ASP B 198 -38.66 -22.77 -11.42
CA ASP B 198 -38.90 -24.15 -11.01
C ASP B 198 -40.07 -24.83 -11.76
N ASP B 199 -40.95 -24.04 -12.37
CA ASP B 199 -42.06 -24.62 -13.14
C ASP B 199 -41.67 -25.25 -14.48
N HIS B 200 -40.37 -25.25 -14.80
CA HIS B 200 -39.80 -25.81 -16.04
C HIS B 200 -39.85 -24.79 -17.20
N THR B 201 -40.35 -23.59 -16.94
CA THR B 201 -40.56 -22.61 -18.02
C THR B 201 -39.72 -21.37 -17.88
N ILE B 202 -39.67 -20.64 -18.99
CA ILE B 202 -39.05 -19.35 -19.09
C ILE B 202 -40.13 -18.39 -19.60
N CYS B 203 -40.35 -17.28 -18.88
CA CYS B 203 -41.29 -16.20 -19.29
C CYS B 203 -40.55 -14.99 -19.82
N LEU B 204 -41.08 -14.41 -20.90
CA LEU B 204 -40.58 -13.15 -21.48
C LEU B 204 -41.66 -12.10 -21.25
N TRP B 205 -41.27 -10.93 -20.78
CA TRP B 205 -42.19 -9.80 -20.65
C TRP B 205 -41.58 -8.59 -21.34
N ASP B 206 -42.39 -7.86 -22.10
CA ASP B 206 -42.07 -6.52 -22.53
C ASP B 206 -42.77 -5.52 -21.60
N ILE B 207 -42.07 -4.95 -20.63
CA ILE B 207 -42.62 -3.88 -19.79
C ILE B 207 -42.32 -2.46 -20.35
N SER B 208 -41.95 -2.37 -21.63
CA SER B 208 -41.60 -1.09 -22.25
C SER B 208 -42.81 -0.16 -22.31
N ALA B 209 -43.91 -0.64 -22.88
CA ALA B 209 -45.10 0.20 -23.11
C ALA B 209 -46.33 -0.27 -22.29
N VAL B 210 -46.24 -0.20 -20.96
CA VAL B 210 -47.33 -0.64 -20.06
C VAL B 210 -48.19 0.56 -19.63
N PRO B 211 -49.54 0.53 -19.85
CA PRO B 211 -50.38 1.70 -19.51
C PRO B 211 -50.17 2.23 -18.08
N LYS B 212 -50.53 3.50 -17.84
CA LYS B 212 -50.32 4.14 -16.53
C LYS B 212 -51.05 3.44 -15.39
N GLU B 213 -52.29 3.04 -15.65
CA GLU B 213 -53.10 2.32 -14.65
C GLU B 213 -52.76 0.82 -14.63
N GLY B 214 -51.98 0.37 -15.61
CA GLY B 214 -51.43 -0.98 -15.63
C GLY B 214 -50.56 -1.24 -14.42
N LYS B 215 -50.81 -2.37 -13.76
CA LYS B 215 -50.07 -2.81 -12.56
C LYS B 215 -49.66 -4.27 -12.67
N VAL B 216 -50.53 -5.11 -13.23
CA VAL B 216 -50.24 -6.50 -13.58
C VAL B 216 -49.83 -6.57 -15.06
N VAL B 217 -48.92 -7.48 -15.39
CA VAL B 217 -48.50 -7.72 -16.79
C VAL B 217 -48.31 -9.20 -17.05
N ASP B 218 -48.81 -9.64 -18.19
CA ASP B 218 -48.80 -11.04 -18.54
C ASP B 218 -47.66 -11.32 -19.50
N ALA B 219 -47.02 -12.46 -19.29
CA ALA B 219 -45.96 -12.89 -20.17
C ALA B 219 -46.41 -12.80 -21.61
N LYS B 220 -45.58 -12.21 -22.45
CA LYS B 220 -45.78 -12.16 -23.89
C LYS B 220 -45.45 -13.49 -24.59
N THR B 221 -44.57 -14.27 -23.98
CA THR B 221 -44.10 -15.54 -24.53
C THR B 221 -43.59 -16.48 -23.41
N ILE B 222 -43.94 -17.76 -23.52
CA ILE B 222 -43.48 -18.78 -22.56
C ILE B 222 -42.78 -19.93 -23.28
N PHE B 223 -41.54 -20.21 -22.88
CA PHE B 223 -40.72 -21.19 -23.58
C PHE B 223 -40.63 -22.48 -22.75
N THR B 224 -40.87 -23.63 -23.38
CA THR B 224 -41.19 -24.90 -22.66
C THR B 224 -40.26 -26.08 -22.94
N GLY B 225 -39.16 -25.80 -23.62
CA GLY B 225 -38.24 -26.85 -24.08
C GLY B 225 -37.61 -27.72 -23.00
N HIS B 226 -37.40 -27.16 -21.81
CA HIS B 226 -36.80 -27.89 -20.72
C HIS B 226 -37.75 -28.83 -20.04
N THR B 227 -37.24 -29.96 -19.59
CA THR B 227 -38.04 -30.92 -18.86
C THR B 227 -37.78 -30.95 -17.36
N ALA B 228 -37.13 -29.90 -16.84
CA ALA B 228 -36.91 -29.81 -15.39
C ALA B 228 -36.70 -28.37 -14.98
N VAL B 229 -36.56 -28.17 -13.68
CA VAL B 229 -36.25 -26.83 -13.12
C VAL B 229 -35.29 -26.02 -13.99
N VAL B 230 -35.73 -24.89 -14.50
CA VAL B 230 -34.84 -24.01 -15.23
C VAL B 230 -34.17 -23.07 -14.24
N GLU B 231 -32.85 -23.15 -14.17
CA GLU B 231 -32.04 -22.54 -13.15
C GLU B 231 -31.60 -21.12 -13.47
N ASP B 232 -31.34 -20.83 -14.74
CA ASP B 232 -30.79 -19.51 -15.14
C ASP B 232 -31.12 -19.16 -16.59
N VAL B 233 -31.04 -17.87 -16.89
CA VAL B 233 -31.33 -17.41 -18.23
C VAL B 233 -30.60 -16.11 -18.49
N SER B 234 -30.17 -15.91 -19.73
CA SER B 234 -29.39 -14.72 -20.05
C SER B 234 -29.45 -14.39 -21.51
N TRP B 235 -29.71 -13.12 -21.76
CA TRP B 235 -29.67 -12.55 -23.09
C TRP B 235 -28.23 -12.50 -23.65
N HIS B 236 -28.06 -12.71 -24.95
CA HIS B 236 -26.80 -12.35 -25.60
C HIS B 236 -26.58 -10.85 -25.45
N LEU B 237 -25.34 -10.36 -25.40
CA LEU B 237 -25.08 -8.90 -25.25
CA LEU B 237 -25.11 -8.93 -25.22
C LEU B 237 -25.26 -8.12 -26.56
N LEU B 238 -25.11 -8.80 -27.71
CA LEU B 238 -25.17 -8.14 -29.04
C LEU B 238 -26.39 -8.44 -29.90
N HIS B 239 -26.86 -9.67 -29.85
CA HIS B 239 -27.97 -10.12 -30.67
C HIS B 239 -29.28 -10.05 -29.90
N GLU B 240 -30.05 -9.01 -30.19
CA GLU B 240 -31.27 -8.68 -29.46
C GLU B 240 -32.26 -9.83 -29.36
N SER B 241 -32.19 -10.75 -30.32
CA SER B 241 -33.12 -11.89 -30.41
C SER B 241 -32.66 -13.19 -29.71
N LEU B 242 -31.40 -13.21 -29.28
CA LEU B 242 -30.73 -14.43 -28.82
C LEU B 242 -30.53 -14.51 -27.29
N PHE B 243 -31.00 -15.60 -26.69
CA PHE B 243 -30.74 -15.87 -25.28
C PHE B 243 -30.46 -17.34 -24.99
N GLY B 244 -29.91 -17.58 -23.80
CA GLY B 244 -29.54 -18.90 -23.38
C GLY B 244 -30.20 -19.27 -22.08
N SER B 245 -30.43 -20.57 -21.89
CA SER B 245 -31.02 -21.07 -20.63
C SER B 245 -30.33 -22.34 -20.18
N VAL B 246 -30.32 -22.55 -18.88
CA VAL B 246 -29.75 -23.78 -18.31
C VAL B 246 -30.64 -24.37 -17.20
N ALA B 247 -30.60 -25.67 -17.07
CA ALA B 247 -31.59 -26.36 -16.26
C ALA B 247 -31.07 -27.65 -15.63
N ASP B 248 -31.93 -28.21 -14.74
CA ASP B 248 -31.66 -29.47 -14.02
C ASP B 248 -31.69 -30.69 -14.93
N ASP B 249 -32.17 -30.52 -16.16
CA ASP B 249 -32.09 -31.55 -17.18
C ASP B 249 -30.71 -31.67 -17.84
N GLN B 250 -29.72 -30.95 -17.30
CA GLN B 250 -28.31 -31.04 -17.73
C GLN B 250 -28.04 -30.30 -19.05
N LYS B 251 -29.04 -29.56 -19.53
CA LYS B 251 -28.99 -28.99 -20.85
C LYS B 251 -28.76 -27.50 -20.85
N LEU B 252 -27.99 -27.07 -21.84
CA LEU B 252 -27.92 -25.67 -22.27
C LEU B 252 -28.74 -25.50 -23.58
N MET B 253 -29.64 -24.53 -23.61
CA MET B 253 -30.47 -24.29 -24.80
C MET B 253 -30.24 -22.87 -25.25
N ILE B 254 -30.06 -22.68 -26.55
CA ILE B 254 -29.99 -21.36 -27.17
C ILE B 254 -31.29 -21.08 -27.91
N TRP B 255 -31.89 -19.93 -27.58
CA TRP B 255 -33.20 -19.54 -28.08
C TRP B 255 -33.12 -18.32 -28.98
N ASP B 256 -33.98 -18.28 -29.99
CA ASP B 256 -34.14 -17.11 -30.89
C ASP B 256 -35.58 -16.62 -30.78
N THR B 257 -35.78 -15.39 -30.32
CA THR B 257 -37.14 -14.87 -30.12
C THR B 257 -37.96 -14.75 -31.42
N ARG B 258 -37.30 -14.74 -32.58
CA ARG B 258 -37.98 -14.64 -33.87
C ARG B 258 -38.66 -15.92 -34.33
N SER B 259 -38.29 -17.04 -33.73
CA SER B 259 -38.85 -18.31 -34.14
C SER B 259 -40.22 -18.48 -33.50
N ASN B 260 -41.13 -19.09 -34.25
CA ASN B 260 -42.53 -19.28 -33.83
C ASN B 260 -42.69 -20.34 -32.77
N ASN B 261 -41.78 -21.32 -32.79
CA ASN B 261 -41.87 -22.52 -31.96
C ASN B 261 -41.17 -22.34 -30.60
N THR B 262 -41.97 -22.24 -29.55
CA THR B 262 -41.48 -21.90 -28.24
C THR B 262 -41.39 -23.13 -27.34
N SER B 263 -41.35 -24.31 -27.95
CA SER B 263 -41.01 -25.56 -27.25
C SER B 263 -39.70 -26.22 -27.74
N LYS B 264 -39.17 -25.70 -28.84
CA LYS B 264 -37.95 -26.18 -29.47
C LYS B 264 -36.95 -25.01 -29.59
N PRO B 265 -35.83 -25.11 -28.86
CA PRO B 265 -34.78 -24.07 -28.98
C PRO B 265 -34.00 -24.22 -30.29
N SER B 266 -33.31 -23.18 -30.76
CA SER B 266 -32.43 -23.30 -31.95
C SER B 266 -31.45 -24.41 -31.79
N HIS B 267 -30.80 -24.43 -30.62
CA HIS B 267 -29.80 -25.46 -30.30
C HIS B 267 -30.01 -25.93 -28.88
N SER B 268 -29.69 -27.19 -28.67
CA SER B 268 -29.88 -27.86 -27.40
C SER B 268 -28.61 -28.67 -27.22
N VAL B 269 -27.89 -28.46 -26.11
CA VAL B 269 -26.70 -29.23 -25.84
C VAL B 269 -26.75 -29.95 -24.51
N ASP B 270 -26.24 -31.17 -24.52
CA ASP B 270 -25.95 -31.92 -23.31
C ASP B 270 -24.66 -31.37 -22.69
N ALA B 271 -24.84 -30.48 -21.73
CA ALA B 271 -23.77 -29.61 -21.33
C ALA B 271 -22.97 -30.14 -20.15
N HIS B 272 -23.58 -30.94 -19.29
CA HIS B 272 -22.91 -31.39 -18.06
C HIS B 272 -23.34 -32.79 -17.63
N THR B 273 -22.65 -33.34 -16.63
CA THR B 273 -23.02 -34.64 -16.07
C THR B 273 -23.90 -34.49 -14.83
N ALA B 274 -24.38 -33.28 -14.56
CA ALA B 274 -25.46 -33.05 -13.59
C ALA B 274 -26.16 -31.70 -13.91
N GLU B 275 -26.87 -31.15 -12.92
CA GLU B 275 -27.64 -29.93 -13.09
C GLU B 275 -26.73 -28.77 -13.49
N VAL B 276 -27.29 -27.84 -14.27
CA VAL B 276 -26.58 -26.67 -14.78
C VAL B 276 -27.26 -25.45 -14.18
N ASN B 277 -26.55 -24.76 -13.29
CA ASN B 277 -27.13 -23.67 -12.50
C ASN B 277 -26.94 -22.26 -13.00
N CYS B 278 -26.06 -22.05 -13.98
CA CYS B 278 -25.73 -20.71 -14.38
C CYS B 278 -25.07 -20.60 -15.73
N LEU B 279 -25.30 -19.46 -16.39
CA LEU B 279 -24.56 -19.09 -17.61
C LEU B 279 -24.25 -17.57 -17.67
N SER B 280 -23.17 -17.28 -18.37
CA SER B 280 -22.78 -15.91 -18.57
C SER B 280 -22.24 -15.90 -19.99
N PHE B 281 -22.64 -14.89 -20.75
CA PHE B 281 -22.07 -14.69 -22.09
C PHE B 281 -20.85 -13.79 -21.95
N ASN B 282 -19.85 -14.09 -22.78
CA ASN B 282 -18.64 -13.29 -22.78
C ASN B 282 -18.94 -11.96 -23.45
N PRO B 283 -18.76 -10.86 -22.72
CA PRO B 283 -19.04 -9.52 -23.28
C PRO B 283 -18.14 -8.99 -24.41
N TYR B 284 -16.96 -9.58 -24.59
CA TYR B 284 -16.00 -9.21 -25.64
C TYR B 284 -15.81 -10.27 -26.72
N SER B 285 -16.34 -11.46 -26.51
CA SER B 285 -16.16 -12.56 -27.45
C SER B 285 -17.53 -13.12 -27.77
N GLU B 286 -18.08 -12.68 -28.90
CA GLU B 286 -19.51 -12.82 -29.20
C GLU B 286 -20.01 -14.25 -29.40
N PHE B 287 -19.06 -15.18 -29.55
CA PHE B 287 -19.35 -16.55 -29.76
C PHE B 287 -19.21 -17.37 -28.47
N ILE B 288 -18.70 -16.77 -27.41
CA ILE B 288 -18.26 -17.57 -26.28
C ILE B 288 -19.11 -17.37 -25.05
N LEU B 289 -19.33 -18.48 -24.35
CA LEU B 289 -20.10 -18.47 -23.10
C LEU B 289 -19.60 -19.54 -22.16
N ALA B 290 -20.08 -19.45 -20.93
CA ALA B 290 -19.67 -20.38 -19.91
C ALA B 290 -20.87 -20.79 -19.09
N THR B 291 -20.85 -22.03 -18.65
CA THR B 291 -21.91 -22.61 -17.82
C THR B 291 -21.26 -23.22 -16.58
N GLY B 292 -21.96 -23.11 -15.47
CA GLY B 292 -21.57 -23.73 -14.21
C GLY B 292 -22.59 -24.74 -13.73
N SER B 293 -22.08 -25.83 -13.16
CA SER B 293 -22.85 -27.06 -12.91
C SER B 293 -22.66 -27.66 -11.52
N ALA B 294 -23.65 -28.47 -11.13
CA ALA B 294 -23.52 -29.28 -9.92
C ALA B 294 -22.48 -30.34 -10.02
N ASP B 295 -21.95 -30.53 -11.24
CA ASP B 295 -20.89 -31.49 -11.49
C ASP B 295 -19.55 -30.92 -11.12
N LYS B 296 -19.51 -29.72 -10.60
CA LYS B 296 -18.29 -29.12 -10.03
C LYS B 296 -17.43 -28.44 -11.07
N THR B 297 -17.88 -28.39 -12.31
CA THR B 297 -17.07 -27.78 -13.35
C THR B 297 -17.72 -26.56 -13.92
N VAL B 298 -16.90 -25.81 -14.66
CA VAL B 298 -17.37 -24.77 -15.55
C VAL B 298 -17.08 -25.20 -16.95
N ALA B 299 -18.07 -25.12 -17.83
CA ALA B 299 -17.84 -25.48 -19.19
C ALA B 299 -17.75 -24.22 -20.03
N LEU B 300 -16.88 -24.26 -21.02
CA LEU B 300 -16.75 -23.17 -21.96
C LEU B 300 -17.31 -23.59 -23.33
N TRP B 301 -18.11 -22.71 -23.94
CA TRP B 301 -18.89 -23.08 -25.14
C TRP B 301 -18.71 -22.09 -26.29
N ASP B 302 -18.65 -22.62 -27.53
CA ASP B 302 -18.60 -21.85 -28.77
C ASP B 302 -19.90 -22.01 -29.53
N LEU B 303 -20.62 -20.89 -29.73
CA LEU B 303 -21.87 -20.91 -30.45
C LEU B 303 -21.77 -21.49 -31.83
N ARG B 304 -20.63 -21.36 -32.48
CA ARG B 304 -20.46 -21.94 -33.80
C ARG B 304 -20.44 -23.47 -33.90
N ASN B 305 -20.16 -24.16 -32.82
CA ASN B 305 -20.24 -25.61 -32.78
C ASN B 305 -20.56 -26.00 -31.34
N LEU B 306 -21.82 -26.01 -30.98
CA LEU B 306 -22.24 -26.43 -29.67
C LEU B 306 -22.06 -27.92 -29.33
N LYS B 307 -21.91 -28.79 -30.30
CA LYS B 307 -21.82 -30.23 -30.06
C LYS B 307 -20.65 -30.54 -29.14
N LEU B 308 -19.67 -29.66 -29.14
CA LEU B 308 -18.38 -29.96 -28.64
C LEU B 308 -17.94 -28.87 -27.65
N LYS B 309 -17.99 -29.21 -26.38
CA LYS B 309 -17.47 -28.35 -25.34
C LYS B 309 -16.00 -27.94 -25.64
N LEU B 310 -15.67 -26.67 -25.48
CA LEU B 310 -14.30 -26.18 -25.74
C LEU B 310 -13.33 -26.56 -24.65
N HIS B 311 -13.80 -26.60 -23.43
CA HIS B 311 -12.92 -26.74 -22.30
C HIS B 311 -13.69 -26.94 -21.00
N SER B 312 -13.09 -27.66 -20.08
CA SER B 312 -13.69 -27.88 -18.80
C SER B 312 -12.79 -27.34 -17.70
N PHE B 313 -13.29 -26.38 -16.92
CA PHE B 313 -12.57 -25.82 -15.80
C PHE B 313 -12.78 -26.66 -14.53
N GLU B 314 -11.75 -27.36 -14.09
CA GLU B 314 -11.84 -28.20 -12.88
C GLU B 314 -11.04 -27.65 -11.72
N SER B 315 -11.65 -27.59 -10.55
CA SER B 315 -10.97 -27.20 -9.30
C SER B 315 -11.94 -27.15 -8.13
N HIS B 316 -13.18 -26.70 -8.38
CA HIS B 316 -14.20 -26.61 -7.34
C HIS B 316 -14.42 -27.98 -6.71
N LYS B 317 -14.72 -27.99 -5.40
CA LYS B 317 -14.98 -29.22 -4.63
C LYS B 317 -16.45 -29.58 -4.48
N ASP B 318 -17.34 -28.66 -4.86
CA ASP B 318 -18.76 -28.90 -4.78
C ASP B 318 -19.48 -28.12 -5.89
N GLU B 319 -20.82 -28.22 -5.86
CA GLU B 319 -21.72 -27.62 -6.83
C GLU B 319 -21.47 -26.11 -7.07
N ILE B 320 -21.53 -25.69 -8.32
CA ILE B 320 -21.35 -24.29 -8.65
C ILE B 320 -22.69 -23.65 -8.93
N PHE B 321 -22.94 -22.49 -8.33
CA PHE B 321 -24.20 -21.76 -8.53
C PHE B 321 -24.08 -20.45 -9.33
N GLN B 322 -22.89 -19.85 -9.38
CA GLN B 322 -22.73 -18.57 -10.11
C GLN B 322 -21.47 -18.54 -10.96
N VAL B 323 -21.58 -17.96 -12.16
CA VAL B 323 -20.44 -17.74 -13.08
C VAL B 323 -20.54 -16.37 -13.77
N GLN B 324 -19.46 -15.58 -13.76
CA GLN B 324 -19.54 -14.24 -14.30
C GLN B 324 -18.26 -13.89 -15.03
N TRP B 325 -18.33 -13.54 -16.32
CA TRP B 325 -17.16 -12.98 -17.02
C TRP B 325 -16.78 -11.61 -16.47
N SER B 326 -15.48 -11.33 -16.44
CA SER B 326 -15.00 -10.00 -16.06
C SER B 326 -15.49 -8.91 -17.03
N PRO B 327 -15.86 -7.72 -16.50
CA PRO B 327 -16.31 -6.65 -17.38
C PRO B 327 -15.16 -5.95 -18.08
N HIS B 328 -13.92 -6.21 -17.67
CA HIS B 328 -12.76 -5.49 -18.25
C HIS B 328 -11.81 -6.36 -19.06
N ASN B 329 -11.78 -7.64 -18.77
CA ASN B 329 -10.79 -8.51 -19.35
C ASN B 329 -11.45 -9.76 -20.00
N GLU B 330 -11.37 -9.84 -21.32
CA GLU B 330 -12.02 -10.88 -22.11
C GLU B 330 -11.59 -12.34 -21.84
N THR B 331 -10.42 -12.57 -21.28
CA THR B 331 -9.97 -13.93 -20.94
C THR B 331 -10.27 -14.33 -19.53
N ILE B 332 -10.95 -13.46 -18.82
CA ILE B 332 -11.12 -13.60 -17.40
C ILE B 332 -12.56 -13.87 -16.98
N LEU B 333 -12.71 -14.83 -16.10
CA LEU B 333 -14.02 -15.40 -15.76
C LEU B 333 -13.90 -15.78 -14.29
N ALA B 334 -14.99 -15.80 -13.55
CA ALA B 334 -14.96 -16.25 -12.15
C ALA B 334 -16.19 -17.12 -11.80
N SER B 335 -16.08 -17.89 -10.73
CA SER B 335 -17.21 -18.73 -10.35
C SER B 335 -17.24 -19.03 -8.86
N SER B 336 -18.43 -19.26 -8.33
CA SER B 336 -18.64 -19.53 -6.90
C SER B 336 -19.69 -20.58 -6.64
N GLY B 337 -19.70 -21.12 -5.43
CA GLY B 337 -20.86 -21.89 -4.94
C GLY B 337 -20.65 -22.60 -3.61
N THR B 338 -21.12 -23.84 -3.54
CA THR B 338 -21.32 -24.51 -2.24
C THR B 338 -20.06 -24.81 -1.47
N ASP B 339 -18.95 -24.95 -2.20
CA ASP B 339 -17.67 -25.27 -1.61
C ASP B 339 -17.00 -24.09 -0.91
N ARG B 340 -17.73 -22.99 -0.73
CA ARG B 340 -17.24 -21.84 0.04
C ARG B 340 -16.15 -20.99 -0.65
N ARG B 341 -15.78 -21.34 -1.88
CA ARG B 341 -14.78 -20.64 -2.61
C ARG B 341 -15.35 -19.94 -3.79
N LEU B 342 -14.63 -18.88 -4.20
CA LEU B 342 -14.81 -18.21 -5.48
C LEU B 342 -13.49 -18.33 -6.26
N ASN B 343 -13.54 -18.91 -7.45
CA ASN B 343 -12.37 -19.14 -8.28
C ASN B 343 -12.33 -18.16 -9.47
N VAL B 344 -11.17 -17.60 -9.77
CA VAL B 344 -11.02 -16.76 -10.94
C VAL B 344 -10.17 -17.50 -11.93
N TRP B 345 -10.60 -17.48 -13.18
CA TRP B 345 -9.95 -18.22 -14.21
C TRP B 345 -9.41 -17.29 -15.27
N ASP B 346 -8.42 -17.76 -16.03
CA ASP B 346 -7.83 -17.06 -17.15
C ASP B 346 -7.57 -17.98 -18.33
N LEU B 347 -8.42 -17.87 -19.34
CA LEU B 347 -8.43 -18.77 -20.54
C LEU B 347 -7.14 -18.78 -21.33
N SER B 348 -6.38 -17.69 -21.23
CA SER B 348 -5.17 -17.50 -22.04
C SER B 348 -4.02 -18.43 -21.65
N LYS B 349 -4.23 -19.14 -20.54
CA LYS B 349 -3.25 -20.00 -19.97
C LYS B 349 -3.62 -21.42 -20.22
N ILE B 350 -4.79 -21.67 -20.81
CA ILE B 350 -5.15 -23.05 -21.11
C ILE B 350 -4.03 -23.73 -21.92
N GLY B 351 -3.66 -24.92 -21.47
CA GLY B 351 -2.68 -25.74 -22.18
C GLY B 351 -1.25 -25.35 -21.94
N GLU B 352 -1.00 -24.43 -21.01
CA GLU B 352 0.35 -24.06 -20.72
C GLU B 352 1.06 -25.18 -20.01
N GLU B 353 2.33 -25.31 -20.37
CA GLU B 353 3.30 -26.06 -19.59
C GLU B 353 3.01 -25.85 -18.12
N GLN B 354 2.85 -26.94 -17.38
CA GLN B 354 2.74 -26.87 -15.92
C GLN B 354 3.50 -27.97 -15.16
N SER B 355 4.27 -27.56 -14.14
CA SER B 355 4.95 -28.54 -13.29
C SER B 355 3.96 -29.32 -12.42
N PRO B 356 4.23 -30.60 -12.16
CA PRO B 356 3.40 -31.46 -11.28
C PRO B 356 3.20 -30.88 -9.90
N GLU B 357 4.22 -30.23 -9.37
CA GLU B 357 4.05 -29.50 -8.12
C GLU B 357 2.87 -28.54 -8.21
N ASP B 358 2.87 -27.72 -9.25
CA ASP B 358 1.82 -26.72 -9.42
C ASP B 358 0.47 -27.31 -9.86
N ALA B 359 0.46 -28.50 -10.43
CA ALA B 359 -0.79 -29.14 -10.80
C ALA B 359 -1.61 -29.61 -9.60
N GLU B 360 -0.95 -29.90 -8.48
CA GLU B 360 -1.64 -30.23 -7.22
C GLU B 360 -2.59 -29.11 -6.77
N ASP B 361 -2.24 -27.86 -7.07
CA ASP B 361 -3.06 -26.73 -6.63
C ASP B 361 -4.14 -26.46 -7.63
N GLY B 362 -3.96 -26.95 -8.87
CA GLY B 362 -5.03 -26.94 -9.86
C GLY B 362 -4.53 -26.60 -11.24
N PRO B 363 -5.43 -26.60 -12.21
CA PRO B 363 -4.94 -26.50 -13.59
C PRO B 363 -4.29 -25.12 -13.85
N PRO B 364 -3.63 -24.92 -15.00
CA PRO B 364 -2.93 -23.62 -15.22
C PRO B 364 -3.84 -22.40 -15.41
N GLU B 365 -5.04 -22.60 -15.96
CA GLU B 365 -6.00 -21.52 -16.14
C GLU B 365 -6.64 -21.03 -14.80
N LEU B 366 -6.34 -21.72 -13.69
CA LEU B 366 -6.78 -21.26 -12.37
C LEU B 366 -5.83 -20.18 -11.86
N LEU B 367 -6.33 -18.95 -11.87
CA LEU B 367 -5.57 -17.75 -11.53
C LEU B 367 -5.56 -17.44 -10.04
N PHE B 368 -6.71 -17.61 -9.37
CA PHE B 368 -6.88 -17.23 -7.99
C PHE B 368 -8.00 -18.02 -7.33
N ILE B 369 -7.74 -18.46 -6.10
CA ILE B 369 -8.78 -18.93 -5.20
C ILE B 369 -9.02 -17.96 -4.06
N HIS B 370 -10.22 -17.39 -4.05
CA HIS B 370 -10.67 -16.56 -2.96
C HIS B 370 -11.17 -17.42 -1.82
N GLY B 371 -10.38 -17.43 -0.75
CA GLY B 371 -10.65 -18.28 0.41
C GLY B 371 -11.33 -17.61 1.58
N GLY B 372 -11.84 -16.40 1.39
CA GLY B 372 -12.35 -15.57 2.49
C GLY B 372 -13.63 -15.98 3.17
N HIS B 373 -14.51 -16.68 2.46
CA HIS B 373 -15.82 -17.01 3.02
C HIS B 373 -15.79 -18.27 3.84
N THR B 374 -16.68 -18.40 4.80
CA THR B 374 -16.80 -19.66 5.58
C THR B 374 -18.12 -20.40 5.38
N ALA B 375 -19.09 -19.77 4.72
CA ALA B 375 -20.27 -20.50 4.25
C ALA B 375 -20.36 -20.42 2.74
N LYS B 376 -21.28 -21.22 2.21
CA LYS B 376 -21.68 -21.17 0.85
C LYS B 376 -21.92 -19.72 0.31
N ILE B 377 -21.39 -19.47 -0.87
CA ILE B 377 -21.53 -18.19 -1.55
C ILE B 377 -22.81 -18.16 -2.40
N SER B 378 -23.68 -17.20 -2.17
CA SER B 378 -24.93 -17.16 -2.91
C SER B 378 -24.83 -16.41 -4.24
N ASP B 379 -23.98 -15.39 -4.30
CA ASP B 379 -23.90 -14.53 -5.47
C ASP B 379 -22.64 -13.62 -5.37
N PHE B 380 -22.30 -13.00 -6.47
CA PHE B 380 -21.11 -12.15 -6.51
C PHE B 380 -21.19 -11.27 -7.70
N SER B 381 -20.57 -10.12 -7.61
CA SER B 381 -20.60 -9.21 -8.74
C SER B 381 -19.22 -8.61 -8.95
N TRP B 382 -18.82 -8.51 -10.21
CA TRP B 382 -17.60 -7.78 -10.57
C TRP B 382 -17.92 -6.28 -10.62
N ASN B 383 -17.16 -5.46 -9.92
CA ASN B 383 -17.36 -4.02 -9.98
C ASN B 383 -17.10 -3.48 -11.38
N PRO B 384 -18.11 -2.85 -12.00
CA PRO B 384 -17.93 -2.35 -13.37
C PRO B 384 -16.98 -1.14 -13.53
N ASN B 385 -16.62 -0.47 -12.44
CA ASN B 385 -15.80 0.74 -12.54
C ASN B 385 -14.40 0.60 -11.99
N GLU B 386 -14.19 -0.33 -11.03
CA GLU B 386 -12.86 -0.62 -10.53
C GLU B 386 -12.45 -2.06 -10.85
N PRO B 387 -11.58 -2.21 -11.84
CA PRO B 387 -11.06 -3.50 -12.23
C PRO B 387 -10.59 -4.35 -11.09
N TRP B 388 -10.93 -5.62 -11.21
CA TRP B 388 -10.56 -6.66 -10.29
C TRP B 388 -11.24 -6.58 -8.93
N VAL B 389 -12.09 -5.58 -8.71
CA VAL B 389 -12.87 -5.55 -7.49
C VAL B 389 -14.04 -6.48 -7.66
N ILE B 390 -14.25 -7.34 -6.67
CA ILE B 390 -15.40 -8.25 -6.58
C ILE B 390 -16.12 -8.09 -5.24
N CYS B 391 -17.45 -8.07 -5.28
CA CYS B 391 -18.29 -8.20 -4.08
C CYS B 391 -18.91 -9.59 -4.12
N SER B 392 -18.70 -10.36 -3.06
CA SER B 392 -19.27 -11.71 -2.91
C SER B 392 -20.00 -11.80 -1.57
N VAL B 393 -21.18 -12.42 -1.58
CA VAL B 393 -22.08 -12.49 -0.42
C VAL B 393 -22.43 -13.96 -0.14
N SER B 394 -22.33 -14.33 1.14
CA SER B 394 -22.49 -15.74 1.58
C SER B 394 -23.59 -15.95 2.64
N GLU B 395 -23.98 -17.22 2.84
CA GLU B 395 -25.20 -17.63 3.60
C GLU B 395 -25.19 -17.30 5.10
N ASP B 396 -24.01 -17.03 5.62
CA ASP B 396 -23.82 -16.70 7.01
C ASP B 396 -23.90 -15.19 7.30
N ASN B 397 -24.33 -14.36 6.34
CA ASN B 397 -24.47 -12.88 6.51
C ASN B 397 -23.28 -12.08 5.96
N ILE B 398 -22.14 -12.77 5.80
CA ILE B 398 -20.93 -12.14 5.33
C ILE B 398 -21.05 -11.60 3.89
N MET B 399 -20.66 -10.34 3.74
CA MET B 399 -20.46 -9.70 2.45
C MET B 399 -18.99 -9.37 2.40
N GLN B 400 -18.30 -9.70 1.30
CA GLN B 400 -16.89 -9.27 1.15
C GLN B 400 -16.64 -8.53 -0.14
N VAL B 401 -15.74 -7.55 -0.05
CA VAL B 401 -15.35 -6.73 -1.17
C VAL B 401 -13.83 -6.80 -1.24
N TRP B 402 -13.31 -7.29 -2.35
CA TRP B 402 -11.95 -7.66 -2.38
C TRP B 402 -11.38 -7.48 -3.75
N GLN B 403 -10.05 -7.42 -3.77
CA GLN B 403 -9.30 -7.19 -4.99
C GLN B 403 -7.98 -7.92 -4.87
N MET B 404 -7.77 -8.93 -5.69
CA MET B 404 -6.52 -9.66 -5.66
C MET B 404 -5.34 -8.70 -5.92
N ALA B 405 -4.19 -9.10 -5.43
CA ALA B 405 -2.98 -8.35 -5.58
C ALA B 405 -2.64 -8.26 -7.04
N GLU B 406 -2.15 -7.08 -7.42
CA GLU B 406 -1.89 -6.69 -8.80
C GLU B 406 -0.96 -7.63 -9.55
N ASN B 407 0.07 -8.11 -8.88
CA ASN B 407 1.06 -8.93 -9.56
C ASN B 407 0.65 -10.38 -9.76
N ILE B 408 -0.58 -10.71 -9.37
CA ILE B 408 -1.13 -12.02 -9.73
C ILE B 408 -1.53 -12.03 -11.21
N TYR B 409 -2.04 -10.91 -11.70
CA TYR B 409 -2.50 -10.86 -13.08
C TYR B 409 -1.60 -10.02 -14.00
N ASN B 410 -0.37 -9.69 -13.53
CA ASN B 410 0.73 -9.11 -14.37
C ASN B 410 1.99 -10.00 -14.51
N SER C 20 4.01 25.69 -10.84
CA SER C 20 3.28 24.56 -11.49
C SER C 20 3.09 23.44 -10.45
N GLU C 21 2.36 22.39 -10.85
CA GLU C 21 2.11 21.20 -10.01
C GLU C 21 3.27 20.17 -10.03
N THR C 22 4.43 20.60 -10.50
CA THR C 22 5.69 19.87 -10.31
C THR C 22 6.08 19.95 -8.80
N LYS C 23 5.84 21.11 -8.20
CA LYS C 23 5.87 21.28 -6.73
C LYS C 23 5.11 20.19 -5.97
N ARG C 24 3.86 19.96 -6.35
CA ARG C 24 3.02 19.00 -5.66
C ARG C 24 3.59 17.59 -5.68
N ALA C 25 4.11 17.17 -6.83
CA ALA C 25 4.66 15.82 -6.99
C ALA C 25 5.86 15.61 -6.05
N ALA C 26 6.70 16.62 -5.97
CA ALA C 26 7.80 16.71 -5.03
C ALA C 26 7.42 16.41 -3.55
N ARG C 27 6.22 16.84 -3.16
CA ARG C 27 5.66 16.60 -1.81
C ARG C 27 4.74 15.36 -1.73
N ARG C 28 4.70 14.59 -2.81
CA ARG C 28 3.89 13.38 -2.92
C ARG C 28 4.64 12.25 -3.63
N PRO C 29 5.84 11.89 -3.15
CA PRO C 29 6.63 10.88 -3.84
C PRO C 29 5.92 9.54 -3.99
N TYR C 30 5.01 9.23 -3.07
CA TYR C 30 4.28 7.95 -3.05
C TYR C 30 2.95 7.95 -3.86
N LYS C 31 2.66 9.07 -4.53
CA LYS C 31 1.61 9.17 -5.57
C LYS C 31 2.20 9.76 -6.83
N SER D 19 7.01 -12.00 -7.04
CA SER D 19 5.87 -11.99 -8.01
C SER D 19 5.48 -13.40 -8.45
N SER D 20 6.48 -14.21 -8.78
CA SER D 20 6.30 -15.61 -9.21
C SER D 20 5.77 -16.55 -8.12
N GLU D 21 6.25 -16.36 -6.90
CA GLU D 21 5.80 -17.15 -5.76
C GLU D 21 4.43 -16.66 -5.29
N THR D 22 4.11 -15.39 -5.55
CA THR D 22 2.77 -14.84 -5.23
C THR D 22 1.70 -15.44 -6.14
N LYS D 23 2.10 -15.86 -7.34
CA LYS D 23 1.22 -16.60 -8.22
C LYS D 23 0.99 -18.03 -7.72
N ARG D 24 2.04 -18.64 -7.17
CA ARG D 24 1.90 -19.95 -6.55
C ARG D 24 0.91 -19.85 -5.38
N ALA D 25 1.12 -18.86 -4.51
CA ALA D 25 0.30 -18.67 -3.30
C ALA D 25 -1.18 -18.35 -3.59
N ALA D 26 -1.41 -17.73 -4.73
CA ALA D 26 -2.74 -17.34 -5.17
C ALA D 26 -3.66 -18.54 -5.32
N ARG D 27 -3.08 -19.70 -5.58
CA ARG D 27 -3.82 -20.94 -5.77
C ARG D 27 -3.77 -21.86 -4.51
N ARG D 28 -3.21 -21.33 -3.43
CA ARG D 28 -3.08 -22.03 -2.12
C ARG D 28 -3.53 -21.10 -0.99
N PRO D 29 -4.79 -20.66 -1.02
CA PRO D 29 -5.20 -19.70 -0.01
C PRO D 29 -5.16 -20.26 1.40
N TYR D 30 -5.34 -21.56 1.53
CA TYR D 30 -5.55 -22.21 2.81
C TYR D 30 -4.29 -22.90 3.32
N LYS D 31 -3.15 -22.67 2.67
CA LYS D 31 -1.86 -23.27 3.09
C LYS D 31 -0.77 -22.24 3.37
#